data_1GQU
# 
_entry.id   1GQU 
# 
_audit_conform.dict_name       mmcif_pdbx.dic 
_audit_conform.dict_version    5.391 
_audit_conform.dict_location   http://mmcif.pdb.org/dictionaries/ascii/mmcif_pdbx.dic 
# 
loop_
_database_2.database_id 
_database_2.database_code 
_database_2.pdbx_database_accession 
_database_2.pdbx_DOI 
PDB   1GQU         pdb_00001gqu 10.2210/pdb1gqu/pdb 
PDBE  EBI-8572     ?            ?                   
WWPDB D_1290008572 ?            ?                   
# 
loop_
_pdbx_audit_revision_history.ordinal 
_pdbx_audit_revision_history.data_content_type 
_pdbx_audit_revision_history.major_revision 
_pdbx_audit_revision_history.minor_revision 
_pdbx_audit_revision_history.revision_date 
1 'Structure model' 1 0 2002-12-05 
2 'Structure model' 1 1 2011-05-08 
3 'Structure model' 1 2 2011-07-13 
4 'Structure model' 1 3 2024-05-08 
# 
_pdbx_audit_revision_details.ordinal             1 
_pdbx_audit_revision_details.revision_ordinal    1 
_pdbx_audit_revision_details.data_content_type   'Structure model' 
_pdbx_audit_revision_details.provider            repository 
_pdbx_audit_revision_details.type                'Initial release' 
_pdbx_audit_revision_details.description         ? 
_pdbx_audit_revision_details.details             ? 
# 
loop_
_pdbx_audit_revision_group.ordinal 
_pdbx_audit_revision_group.revision_ordinal 
_pdbx_audit_revision_group.data_content_type 
_pdbx_audit_revision_group.group 
1 2 'Structure model' 'Version format compliance' 
2 3 'Structure model' 'Version format compliance' 
3 4 'Structure model' 'Data collection'           
4 4 'Structure model' 'Database references'       
5 4 'Structure model' 'Derived calculations'      
6 4 'Structure model' Other                       
# 
loop_
_pdbx_audit_revision_category.ordinal 
_pdbx_audit_revision_category.revision_ordinal 
_pdbx_audit_revision_category.data_content_type 
_pdbx_audit_revision_category.category 
1 4 'Structure model' chem_comp_atom       
2 4 'Structure model' chem_comp_bond       
3 4 'Structure model' database_2           
4 4 'Structure model' pdbx_database_status 
5 4 'Structure model' struct_conn          
# 
loop_
_pdbx_audit_revision_item.ordinal 
_pdbx_audit_revision_item.revision_ordinal 
_pdbx_audit_revision_item.data_content_type 
_pdbx_audit_revision_item.item 
1 4 'Structure model' '_database_2.pdbx_DOI'                 
2 4 'Structure model' '_database_2.pdbx_database_accession'  
3 4 'Structure model' '_pdbx_database_status.status_code_sf' 
4 4 'Structure model' '_struct_conn.pdbx_leaving_atom_flag'  
# 
_pdbx_database_status.status_code                     REL 
_pdbx_database_status.entry_id                        1GQU 
_pdbx_database_status.deposit_site                    PDBE 
_pdbx_database_status.process_site                    PDBE 
_pdbx_database_status.SG_entry                        . 
_pdbx_database_status.recvd_initial_deposition_date   2001-12-05 
_pdbx_database_status.pdb_format_compatible           Y 
_pdbx_database_status.status_code_sf                  REL 
_pdbx_database_status.status_code_mr                  ? 
_pdbx_database_status.status_code_cs                  ? 
_pdbx_database_status.methods_development_category    ? 
_pdbx_database_status.status_code_nmr_data            ? 
# 
loop_
_audit_author.name 
_audit_author.pdbx_ordinal 
'Abrescia, N.G.A.' 1 
'Thompson, A.'     2 
'Huynh-Dinh, T.'   3 
'Subirana, J.A.'   4 
# 
_citation.id                        primary 
_citation.title                     'Crystal Structure of an Antiparallel DNA Fragment with Hoogsteen Base Pairing' 
_citation.journal_abbrev            Proc.Natl.Acad.Sci.USA 
_citation.journal_volume            99 
_citation.page_first                2806 
_citation.page_last                 ? 
_citation.year                      2002 
_citation.journal_id_ASTM           PNASA6 
_citation.country                   US 
_citation.journal_id_ISSN           0027-8424 
_citation.journal_id_CSD            0040 
_citation.book_publisher            ? 
_citation.pdbx_database_id_PubMed   11880632 
_citation.pdbx_database_id_DOI      10.1073/PNAS.052675499 
# 
loop_
_citation_author.citation_id 
_citation_author.name 
_citation_author.ordinal 
_citation_author.identifier_ORCID 
primary 'Abrescia, N.G.A.' 1 ? 
primary 'Thompson, A.'     2 ? 
primary 'Huynh-Dinh, T.'   3 ? 
primary 'Subirana, J.A.'   4 ? 
# 
loop_
_entity.id 
_entity.type 
_entity.src_method 
_entity.pdbx_description 
_entity.formula_weight 
_entity.pdbx_number_of_molecules 
_entity.pdbx_ec 
_entity.pdbx_mutation 
_entity.pdbx_fragment 
_entity.details 
1 polymer syn 
;DNA (5'(*AP*TP*AP*UP*AP*T)-3')
;
1872.111 4  ? ? ? ? 
2 water   nat water                            18.015   47 ? ? ? ? 
# 
_entity_poly.entity_id                      1 
_entity_poly.type                           polydeoxyribonucleotide 
_entity_poly.nstd_linkage                   no 
_entity_poly.nstd_monomer                   yes 
_entity_poly.pdbx_seq_one_letter_code       '(DA)(DT)(DA)(BRU)(DA)(DT)' 
_entity_poly.pdbx_seq_one_letter_code_can   ATAUAT 
_entity_poly.pdbx_strand_id                 A,B,C,D 
_entity_poly.pdbx_target_identifier         ? 
# 
_pdbx_entity_nonpoly.entity_id   2 
_pdbx_entity_nonpoly.name        water 
_pdbx_entity_nonpoly.comp_id     HOH 
# 
loop_
_entity_poly_seq.entity_id 
_entity_poly_seq.num 
_entity_poly_seq.mon_id 
_entity_poly_seq.hetero 
1 1 DA  n 
1 2 DT  n 
1 3 DA  n 
1 4 BRU n 
1 5 DA  n 
1 6 DT  n 
# 
loop_
_chem_comp.id 
_chem_comp.type 
_chem_comp.mon_nstd_flag 
_chem_comp.name 
_chem_comp.pdbx_synonyms 
_chem_comp.formula 
_chem_comp.formula_weight 
BRU 'DNA linking' n "5-BROMO-2'-DEOXYURIDINE-5'-MONOPHOSPHATE" ? 'C9 H12 Br N2 O8 P' 387.078 
DA  'DNA linking' y "2'-DEOXYADENOSINE-5'-MONOPHOSPHATE"       ? 'C10 H14 N5 O6 P'   331.222 
DT  'DNA linking' y "THYMIDINE-5'-MONOPHOSPHATE"               ? 'C10 H15 N2 O8 P'   322.208 
HOH non-polymer   . WATER                                      ? 'H2 O'              18.015  
# 
loop_
_pdbx_poly_seq_scheme.asym_id 
_pdbx_poly_seq_scheme.entity_id 
_pdbx_poly_seq_scheme.seq_id 
_pdbx_poly_seq_scheme.mon_id 
_pdbx_poly_seq_scheme.ndb_seq_num 
_pdbx_poly_seq_scheme.pdb_seq_num 
_pdbx_poly_seq_scheme.auth_seq_num 
_pdbx_poly_seq_scheme.pdb_mon_id 
_pdbx_poly_seq_scheme.auth_mon_id 
_pdbx_poly_seq_scheme.pdb_strand_id 
_pdbx_poly_seq_scheme.pdb_ins_code 
_pdbx_poly_seq_scheme.hetero 
A 1 1 DA  1 1  1  DA  DA  A . n 
A 1 2 DT  2 2  2  DT  DT  A . n 
A 1 3 DA  3 3  3  DA  DA  A . n 
A 1 4 BRU 4 4  4  BRU BRU A . n 
A 1 5 DA  5 5  5  DA  DA  A . n 
A 1 6 DT  6 6  6  DT  DT  A . n 
B 1 1 DA  1 7  7  DA  DA  B . n 
B 1 2 DT  2 8  8  DT  DT  B . n 
B 1 3 DA  3 9  9  DA  DA  B . n 
B 1 4 BRU 4 10 10 BRU BRU B . n 
B 1 5 DA  5 11 11 DA  DA  B . n 
B 1 6 DT  6 12 12 DT  DT  B . n 
C 1 1 DA  1 13 13 DA  DA  C . n 
C 1 2 DT  2 14 14 DT  DT  C . n 
C 1 3 DA  3 15 15 DA  DA  C . n 
C 1 4 BRU 4 16 16 BRU BRU C . n 
C 1 5 DA  5 17 17 DA  DA  C . n 
C 1 6 DT  6 18 18 DT  DT  C . n 
D 1 1 DA  1 19 19 DA  DA  D . n 
D 1 2 DT  2 20 20 DT  DT  D . n 
D 1 3 DA  3 21 21 DA  DA  D . n 
D 1 4 BRU 4 22 22 BRU BRU D . n 
D 1 5 DA  5 23 23 DA  DA  D . n 
D 1 6 DT  6 24 24 DT  DT  D . n 
# 
loop_
_pdbx_nonpoly_scheme.asym_id 
_pdbx_nonpoly_scheme.entity_id 
_pdbx_nonpoly_scheme.mon_id 
_pdbx_nonpoly_scheme.ndb_seq_num 
_pdbx_nonpoly_scheme.pdb_seq_num 
_pdbx_nonpoly_scheme.auth_seq_num 
_pdbx_nonpoly_scheme.pdb_mon_id 
_pdbx_nonpoly_scheme.auth_mon_id 
_pdbx_nonpoly_scheme.pdb_strand_id 
_pdbx_nonpoly_scheme.pdb_ins_code 
E 2 HOH 1  2001 2001 HOH HOH A . 
E 2 HOH 2  2002 2002 HOH HOH A . 
E 2 HOH 3  2003 2003 HOH HOH A . 
E 2 HOH 4  2004 2004 HOH HOH A . 
E 2 HOH 5  2005 2005 HOH HOH A . 
E 2 HOH 6  2006 2006 HOH HOH A . 
E 2 HOH 7  2007 2007 HOH HOH A . 
E 2 HOH 8  2008 2008 HOH HOH A . 
E 2 HOH 9  2009 2009 HOH HOH A . 
E 2 HOH 10 2010 2010 HOH HOH A . 
E 2 HOH 11 2011 2011 HOH HOH A . 
E 2 HOH 12 2012 2012 HOH HOH A . 
E 2 HOH 13 2013 2013 HOH HOH A . 
E 2 HOH 14 2014 2014 HOH HOH A . 
F 2 HOH 1  2001 2001 HOH HOH B . 
F 2 HOH 2  2002 2002 HOH HOH B . 
F 2 HOH 3  2003 2003 HOH HOH B . 
F 2 HOH 4  2004 2004 HOH HOH B . 
F 2 HOH 5  2005 2005 HOH HOH B . 
F 2 HOH 6  2006 2006 HOH HOH B . 
F 2 HOH 7  2007 2007 HOH HOH B . 
F 2 HOH 8  2008 2008 HOH HOH B . 
F 2 HOH 9  2009 2009 HOH HOH B . 
F 2 HOH 10 2010 2010 HOH HOH B . 
F 2 HOH 11 2011 2011 HOH HOH B . 
F 2 HOH 12 2012 2012 HOH HOH B . 
G 2 HOH 1  2001 2001 HOH HOH C . 
G 2 HOH 2  2002 2002 HOH HOH C . 
G 2 HOH 3  2003 2003 HOH HOH C . 
G 2 HOH 4  2004 2004 HOH HOH C . 
G 2 HOH 5  2005 2005 HOH HOH C . 
G 2 HOH 6  2006 2006 HOH HOH C . 
G 2 HOH 7  2007 2007 HOH HOH C . 
G 2 HOH 8  2008 2008 HOH HOH C . 
H 2 HOH 1  2001 2001 HOH HOH D . 
H 2 HOH 2  2002 2002 HOH HOH D . 
H 2 HOH 3  2003 2003 HOH HOH D . 
H 2 HOH 4  2004 2004 HOH HOH D . 
H 2 HOH 5  2005 2005 HOH HOH D . 
H 2 HOH 6  2006 2006 HOH HOH D . 
H 2 HOH 7  2007 2007 HOH HOH D . 
H 2 HOH 8  2009 2009 HOH HOH D . 
H 2 HOH 9  2010 2010 HOH HOH D . 
H 2 HOH 10 2011 2011 HOH HOH D . 
H 2 HOH 11 2012 2012 HOH HOH D . 
H 2 HOH 12 2013 2013 HOH HOH D . 
H 2 HOH 13 2014 2014 HOH HOH D . 
# 
loop_
_software.name 
_software.classification 
_software.version 
_software.citation_id 
_software.pdbx_ordinal 
CNS       refinement       1.0 ? 1 
DENZO     'data reduction' .   ? 2 
SCALEPACK 'data scaling'   .   ? 3 
SCALEIT   'data scaling'   .   ? 4 
MLPHARE   phasing          .   ? 5 
# 
_cell.entry_id           1GQU 
_cell.length_a           23.960 
_cell.length_b           48.950 
_cell.length_c           32.240 
_cell.angle_alpha        90.00 
_cell.angle_beta         93.27 
_cell.angle_gamma        90.00 
_cell.Z_PDB              8 
_cell.pdbx_unique_axis   ? 
# 
_symmetry.entry_id                         1GQU 
_symmetry.space_group_name_H-M             'P 1 21 1' 
_symmetry.pdbx_full_space_group_name_H-M   ? 
_symmetry.cell_setting                     ? 
_symmetry.Int_Tables_number                4 
# 
_exptl.entry_id          1GQU 
_exptl.method            'X-RAY DIFFRACTION' 
_exptl.crystals_number   1 
# 
_exptl_crystal.id                    1 
_exptl_crystal.density_meas          ? 
_exptl_crystal.density_Matthews      2.52 
_exptl_crystal.density_percent_sol   51.20 
_exptl_crystal.description           'FOR MORE DETAILS ON DATA STATISTICS SEE PAPER' 
# 
_exptl_crystal_grow.crystal_id      1 
_exptl_crystal_grow.method          ? 
_exptl_crystal_grow.temp            ? 
_exptl_crystal_grow.temp_details    ? 
_exptl_crystal_grow.pH              6.00 
_exptl_crystal_grow.pdbx_pH_range   ? 
_exptl_crystal_grow.pdbx_details    'pH 6.00' 
# 
_diffrn.id                     1 
_diffrn.ambient_temp           110.0 
_diffrn.ambient_temp_details   ? 
_diffrn.crystal_id             1 
# 
_diffrn_detector.diffrn_id              1 
_diffrn_detector.detector               CCD 
_diffrn_detector.type                   MARCCD 
_diffrn_detector.pdbx_collection_date   2001-03-15 
_diffrn_detector.details                ? 
# 
_diffrn_radiation.diffrn_id                        1 
_diffrn_radiation.wavelength_id                    1 
_diffrn_radiation.pdbx_monochromatic_or_laue_m_l   M 
_diffrn_radiation.monochromator                    ? 
_diffrn_radiation.pdbx_diffrn_protocol             MAD 
_diffrn_radiation.pdbx_scattering_type             x-ray 
# 
loop_
_diffrn_radiation_wavelength.id 
_diffrn_radiation_wavelength.wavelength 
_diffrn_radiation_wavelength.wt 
1 0.919 1.0 
2 0.855 1.0 
# 
_diffrn_source.diffrn_id                   1 
_diffrn_source.source                      SYNCHROTRON 
_diffrn_source.type                        'ESRF BEAMLINE BM14' 
_diffrn_source.pdbx_synchrotron_site       ESRF 
_diffrn_source.pdbx_synchrotron_beamline   BM14 
_diffrn_source.pdbx_wavelength             ? 
_diffrn_source.pdbx_wavelength_list        0.919,0.855 
# 
_reflns.pdbx_diffrn_id               1 
_reflns.pdbx_ordinal                 1 
_reflns.entry_id                     1GQU 
_reflns.observed_criterion_sigma_I   2.000 
_reflns.observed_criterion_sigma_F   ? 
_reflns.d_resolution_low             30.000 
_reflns.d_resolution_high            2.500 
_reflns.number_obs                   2591 
_reflns.number_all                   ? 
_reflns.percent_possible_obs         90.3 
_reflns.pdbx_Rmerge_I_obs            0.06000 
_reflns.pdbx_Rsym_value              ? 
_reflns.pdbx_netI_over_sigmaI        ? 
_reflns.B_iso_Wilson_estimate        ? 
_reflns.pdbx_redundancy              10.300 
# 
_reflns_shell.pdbx_diffrn_id         1 
_reflns_shell.pdbx_ordinal           1 
_reflns_shell.d_res_high             2.50 
_reflns_shell.d_res_low              ? 
_reflns_shell.percent_possible_all   68.6 
_reflns_shell.Rmerge_I_obs           ? 
_reflns_shell.pdbx_Rsym_value        ? 
_reflns_shell.meanI_over_sigI_obs    ? 
_reflns_shell.pdbx_redundancy        ? 
# 
_refine.pdbx_refine_id                           'X-RAY DIFFRACTION' 
_refine.entry_id                                 1GQU 
_refine.pdbx_diffrn_id                           1 
_refine.pdbx_TLS_residual_ADP_flag               ? 
_refine.ls_number_reflns_obs                     2547 
_refine.ls_number_reflns_all                     ? 
_refine.pdbx_ls_sigma_I                          ? 
_refine.pdbx_ls_sigma_F                          0.0 
_refine.pdbx_data_cutoff_high_absF               ? 
_refine.pdbx_data_cutoff_low_absF                ? 
_refine.pdbx_data_cutoff_high_rms_absF           ? 
_refine.ls_d_res_low                             15.00 
_refine.ls_d_res_high                            2.5 
_refine.ls_percent_reflns_obs                    97.2 
_refine.ls_R_factor_obs                          0.22 
_refine.ls_R_factor_all                          ? 
_refine.ls_R_factor_R_work                       0.22 
_refine.ls_R_factor_R_free                       ? 
_refine.ls_R_factor_R_free_error                 ? 
_refine.ls_R_factor_R_free_error_details         ? 
_refine.ls_percent_reflns_R_free                 9.2 
_refine.ls_number_reflns_R_free                  240 
_refine.ls_number_parameters                     ? 
_refine.ls_number_restraints                     ? 
_refine.occupancy_min                            ? 
_refine.occupancy_max                            ? 
_refine.correlation_coeff_Fo_to_Fc               ? 
_refine.correlation_coeff_Fo_to_Fc_free          ? 
_refine.B_iso_mean                               ? 
_refine.aniso_B[1][1]                            ? 
_refine.aniso_B[2][2]                            ? 
_refine.aniso_B[3][3]                            ? 
_refine.aniso_B[1][2]                            ? 
_refine.aniso_B[1][3]                            ? 
_refine.aniso_B[2][3]                            ? 
_refine.solvent_model_details                    'FLAT MODEL' 
_refine.solvent_model_param_ksol                 ? 
_refine.solvent_model_param_bsol                 ? 
_refine.pdbx_solvent_vdw_probe_radii             ? 
_refine.pdbx_solvent_ion_probe_radii             ? 
_refine.pdbx_solvent_shrinkage_radii             ? 
_refine.pdbx_ls_cross_valid_method               THROUGHOUT 
_refine.details                                  'FOR MORE DETAILS ON DATA STATISTICS SEE PAPER' 
_refine.pdbx_starting_model                      ? 
_refine.pdbx_method_to_determine_struct          MAD 
_refine.pdbx_isotropic_thermal_model             ? 
_refine.pdbx_stereochemistry_target_values       ? 
_refine.pdbx_stereochem_target_val_spec_case     ? 
_refine.pdbx_R_Free_selection_details            RANDOM 
_refine.pdbx_overall_ESU_R                       ? 
_refine.pdbx_overall_ESU_R_Free                  ? 
_refine.overall_SU_ML                            ? 
_refine.pdbx_overall_phase_error                 ? 
_refine.overall_SU_B                             ? 
_refine.overall_SU_R_Cruickshank_DPI             ? 
_refine.pdbx_overall_SU_R_free_Cruickshank_DPI   ? 
_refine.pdbx_overall_SU_R_Blow_DPI               ? 
_refine.pdbx_overall_SU_R_free_Blow_DPI          ? 
# 
_refine_hist.pdbx_refine_id                   'X-RAY DIFFRACTION' 
_refine_hist.cycle_id                         LAST 
_refine_hist.pdbx_number_atoms_protein        0 
_refine_hist.pdbx_number_atoms_nucleic_acid   480 
_refine_hist.pdbx_number_atoms_ligand         0 
_refine_hist.number_atoms_solvent             47 
_refine_hist.number_atoms_total               527 
_refine_hist.d_res_high                       2.5 
_refine_hist.d_res_low                        15.00 
# 
loop_
_refine_ls_restr.type 
_refine_ls_restr.dev_ideal 
_refine_ls_restr.dev_ideal_target 
_refine_ls_restr.weight 
_refine_ls_restr.number 
_refine_ls_restr.pdbx_refine_id 
_refine_ls_restr.pdbx_restraint_function 
c_bond_d                0.0089 ? ? ? 'X-RAY DIFFRACTION' ? 
c_bond_d_na             ?      ? ? ? 'X-RAY DIFFRACTION' ? 
c_bond_d_prot           ?      ? ? ? 'X-RAY DIFFRACTION' ? 
c_angle_d               ?      ? ? ? 'X-RAY DIFFRACTION' ? 
c_angle_d_na            ?      ? ? ? 'X-RAY DIFFRACTION' ? 
c_angle_d_prot          ?      ? ? ? 'X-RAY DIFFRACTION' ? 
c_angle_deg             1.17   ? ? ? 'X-RAY DIFFRACTION' ? 
c_angle_deg_na          ?      ? ? ? 'X-RAY DIFFRACTION' ? 
c_angle_deg_prot        ?      ? ? ? 'X-RAY DIFFRACTION' ? 
c_dihedral_angle_d      ?      ? ? ? 'X-RAY DIFFRACTION' ? 
c_dihedral_angle_d_na   ?      ? ? ? 'X-RAY DIFFRACTION' ? 
c_dihedral_angle_d_prot ?      ? ? ? 'X-RAY DIFFRACTION' ? 
c_improper_angle_d      ?      ? ? ? 'X-RAY DIFFRACTION' ? 
c_improper_angle_d_na   ?      ? ? ? 'X-RAY DIFFRACTION' ? 
c_improper_angle_d_prot ?      ? ? ? 'X-RAY DIFFRACTION' ? 
c_mcbond_it             ?      ? ? ? 'X-RAY DIFFRACTION' ? 
c_mcangle_it            ?      ? ? ? 'X-RAY DIFFRACTION' ? 
c_scbond_it             ?      ? ? ? 'X-RAY DIFFRACTION' ? 
c_scangle_it            ?      ? ? ? 'X-RAY DIFFRACTION' ? 
# 
_refine_ls_shell.pdbx_refine_id                   'X-RAY DIFFRACTION' 
_refine_ls_shell.pdbx_total_number_of_bins_used   8 
_refine_ls_shell.d_res_high                       2.5 
_refine_ls_shell.d_res_low                        2.61 
_refine_ls_shell.number_reflns_R_work             273 
_refine_ls_shell.R_factor_R_work                  ? 
_refine_ls_shell.percent_reflns_obs               ? 
_refine_ls_shell.R_factor_R_free                  ? 
_refine_ls_shell.R_factor_R_free_error            ? 
_refine_ls_shell.percent_reflns_R_free            ? 
_refine_ls_shell.number_reflns_R_free             ? 
_refine_ls_shell.number_reflns_all                ? 
_refine_ls_shell.R_factor_all                     ? 
# 
loop_
_pdbx_xplor_file.pdbx_refine_id 
_pdbx_xplor_file.serial_no 
_pdbx_xplor_file.param_file 
_pdbx_xplor_file.topol_file 
'X-RAY DIFFRACTION' 1 DNA-RNA.PARAM   DNA-RNA.TOP   
'X-RAY DIFFRACTION' 2 WATER_REP.PARAM WATER_REP.TOP 
# 
_struct.entry_id                  1GQU 
_struct.title                     'Crystal structure of an alternating A-T oligonucleotide fragment with Hoogsteen base pairing' 
_struct.pdbx_model_details        ? 
_struct.pdbx_CASP_flag            ? 
_struct.pdbx_model_type_details   ? 
# 
_struct_keywords.entry_id        1GQU 
_struct_keywords.pdbx_keywords   DNA 
_struct_keywords.text            'DNA, DNA/RNA, NEW DNA STRUCTURE, HOOGSTEEN BASE PAIRING' 
# 
loop_
_struct_asym.id 
_struct_asym.pdbx_blank_PDB_chainid_flag 
_struct_asym.pdbx_modified 
_struct_asym.entity_id 
_struct_asym.details 
A N N 1 ? 
B N N 1 ? 
C N N 1 ? 
D N N 1 ? 
E N N 2 ? 
F N N 2 ? 
G N N 2 ? 
H N N 2 ? 
# 
_struct_ref.id                         1 
_struct_ref.db_name                    PDB 
_struct_ref.db_code                    1GQU 
_struct_ref.entity_id                  1 
_struct_ref.pdbx_seq_one_letter_code   ? 
_struct_ref.pdbx_align_begin           ? 
_struct_ref.pdbx_db_accession          1GQU 
_struct_ref.pdbx_db_isoform            ? 
# 
loop_
_struct_ref_seq.align_id 
_struct_ref_seq.ref_id 
_struct_ref_seq.pdbx_PDB_id_code 
_struct_ref_seq.pdbx_strand_id 
_struct_ref_seq.seq_align_beg 
_struct_ref_seq.pdbx_seq_align_beg_ins_code 
_struct_ref_seq.seq_align_end 
_struct_ref_seq.pdbx_seq_align_end_ins_code 
_struct_ref_seq.pdbx_db_accession 
_struct_ref_seq.db_align_beg 
_struct_ref_seq.pdbx_db_align_beg_ins_code 
_struct_ref_seq.db_align_end 
_struct_ref_seq.pdbx_db_align_end_ins_code 
_struct_ref_seq.pdbx_auth_seq_align_beg 
_struct_ref_seq.pdbx_auth_seq_align_end 
1 1 1GQU A 1 ? 6 ? 1GQU 1  ? 6  ? 1  6  
2 1 1GQU B 1 ? 6 ? 1GQU 7  ? 12 ? 7  12 
3 1 1GQU C 1 ? 6 ? 1GQU 13 ? 18 ? 13 18 
4 1 1GQU D 1 ? 6 ? 1GQU 19 ? 24 ? 19 24 
# 
loop_
_pdbx_struct_assembly.id 
_pdbx_struct_assembly.details 
_pdbx_struct_assembly.method_details 
_pdbx_struct_assembly.oligomeric_details 
_pdbx_struct_assembly.oligomeric_count 
1 author_and_software_defined_assembly PQS dimeric 2 
2 author_and_software_defined_assembly PQS dimeric 2 
# 
loop_
_pdbx_struct_assembly_gen.assembly_id 
_pdbx_struct_assembly_gen.oper_expression 
_pdbx_struct_assembly_gen.asym_id_list 
1 1 A,B,E,F 
2 1 C,D,G,H 
# 
_pdbx_struct_oper_list.id                   1 
_pdbx_struct_oper_list.type                 'identity operation' 
_pdbx_struct_oper_list.name                 1_555 
_pdbx_struct_oper_list.symmetry_operation   x,y,z 
_pdbx_struct_oper_list.matrix[1][1]         1.0000000000 
_pdbx_struct_oper_list.matrix[1][2]         0.0000000000 
_pdbx_struct_oper_list.matrix[1][3]         0.0000000000 
_pdbx_struct_oper_list.vector[1]            0.0000000000 
_pdbx_struct_oper_list.matrix[2][1]         0.0000000000 
_pdbx_struct_oper_list.matrix[2][2]         1.0000000000 
_pdbx_struct_oper_list.matrix[2][3]         0.0000000000 
_pdbx_struct_oper_list.vector[2]            0.0000000000 
_pdbx_struct_oper_list.matrix[3][1]         0.0000000000 
_pdbx_struct_oper_list.matrix[3][2]         0.0000000000 
_pdbx_struct_oper_list.matrix[3][3]         1.0000000000 
_pdbx_struct_oper_list.vector[3]            0.0000000000 
# 
_struct_biol.id   1 
# 
loop_
_struct_conn.id 
_struct_conn.conn_type_id 
_struct_conn.pdbx_leaving_atom_flag 
_struct_conn.pdbx_PDB_id 
_struct_conn.ptnr1_label_asym_id 
_struct_conn.ptnr1_label_comp_id 
_struct_conn.ptnr1_label_seq_id 
_struct_conn.ptnr1_label_atom_id 
_struct_conn.pdbx_ptnr1_label_alt_id 
_struct_conn.pdbx_ptnr1_PDB_ins_code 
_struct_conn.pdbx_ptnr1_standard_comp_id 
_struct_conn.ptnr1_symmetry 
_struct_conn.ptnr2_label_asym_id 
_struct_conn.ptnr2_label_comp_id 
_struct_conn.ptnr2_label_seq_id 
_struct_conn.ptnr2_label_atom_id 
_struct_conn.pdbx_ptnr2_label_alt_id 
_struct_conn.pdbx_ptnr2_PDB_ins_code 
_struct_conn.ptnr1_auth_asym_id 
_struct_conn.ptnr1_auth_comp_id 
_struct_conn.ptnr1_auth_seq_id 
_struct_conn.ptnr2_auth_asym_id 
_struct_conn.ptnr2_auth_comp_id 
_struct_conn.ptnr2_auth_seq_id 
_struct_conn.ptnr2_symmetry 
_struct_conn.pdbx_ptnr3_label_atom_id 
_struct_conn.pdbx_ptnr3_label_seq_id 
_struct_conn.pdbx_ptnr3_label_comp_id 
_struct_conn.pdbx_ptnr3_label_asym_id 
_struct_conn.pdbx_ptnr3_label_alt_id 
_struct_conn.pdbx_ptnr3_PDB_ins_code 
_struct_conn.details 
_struct_conn.pdbx_dist_value 
_struct_conn.pdbx_value_order 
_struct_conn.pdbx_role 
covale1  covale both ? A DA  3 "O3'" ? ? ? 1_555 A BRU 4 P  ? ? A DA  3  A BRU 4  1_555 ? ? ? ? ? ? ?            1.613 ? ? 
covale2  covale both ? A BRU 4 "O3'" ? ? ? 1_555 A DA  5 P  ? ? A BRU 4  A DA  5  1_555 ? ? ? ? ? ? ?            1.601 ? ? 
covale3  covale both ? B DA  3 "O3'" ? ? ? 1_555 B BRU 4 P  ? ? B DA  9  B BRU 10 1_555 ? ? ? ? ? ? ?            1.602 ? ? 
covale4  covale both ? B BRU 4 "O3'" ? ? ? 1_555 B DA  5 P  ? ? B BRU 10 B DA  11 1_555 ? ? ? ? ? ? ?            1.598 ? ? 
covale5  covale both ? C DA  3 "O3'" ? ? ? 1_555 C BRU 4 P  ? ? C DA  15 C BRU 16 1_555 ? ? ? ? ? ? ?            1.609 ? ? 
covale6  covale both ? C BRU 4 "O3'" ? ? ? 1_555 C DA  5 P  ? ? C BRU 16 C DA  17 1_555 ? ? ? ? ? ? ?            1.601 ? ? 
covale7  covale both ? D DA  3 "O3'" ? ? ? 1_555 D BRU 4 P  ? ? D DA  21 D BRU 22 1_555 ? ? ? ? ? ? ?            1.613 ? ? 
covale8  covale both ? D BRU 4 "O3'" ? ? ? 1_555 D DA  5 P  ? ? D BRU 22 D DA  23 1_555 ? ? ? ? ? ? ?            1.605 ? ? 
hydrog1  hydrog ?    ? A DA  1 N6    ? ? ? 1_555 B DT  6 O4 ? ? A DA  1  B DT  12 1_555 ? ? ? ? ? ? HOOGSTEEN    ?     ? ? 
hydrog2  hydrog ?    ? A DA  1 N7    ? ? ? 1_555 B DT  6 N3 ? ? A DA  1  B DT  12 1_555 ? ? ? ? ? ? HOOGSTEEN    ?     ? ? 
hydrog3  hydrog ?    ? A DT  2 N3    ? ? ? 1_555 B DA  5 N7 ? ? A DT  2  B DA  11 1_555 ? ? ? ? ? ? HOOGSTEEN    ?     ? ? 
hydrog4  hydrog ?    ? A DT  2 O4    ? ? ? 1_555 B DA  5 N6 ? ? A DT  2  B DA  11 1_555 ? ? ? ? ? ? HOOGSTEEN    ?     ? ? 
hydrog5  hydrog ?    ? A DA  3 N6    ? ? ? 1_555 B BRU 4 O4 ? ? A DA  3  B BRU 10 1_555 ? ? ? ? ? ? HOOGSTEEN    ?     ? ? 
hydrog6  hydrog ?    ? A DA  3 N7    ? ? ? 1_555 B BRU 4 N3 ? ? A DA  3  B BRU 10 1_555 ? ? ? ? ? ? HOOGSTEEN    ?     ? ? 
hydrog7  hydrog ?    ? A BRU 4 N3    ? ? ? 1_555 B DA  3 N7 ? ? A BRU 4  B DA  9  1_555 ? ? ? ? ? ? HOOGSTEEN    ?     ? ? 
hydrog8  hydrog ?    ? A BRU 4 O4    ? ? ? 1_555 B DA  3 N6 ? ? A BRU 4  B DA  9  1_555 ? ? ? ? ? ? HOOGSTEEN    ?     ? ? 
hydrog9  hydrog ?    ? A DA  5 N6    ? ? ? 1_555 B DT  2 O4 ? ? A DA  5  B DT  8  1_555 ? ? ? ? ? ? HOOGSTEEN    ?     ? ? 
hydrog10 hydrog ?    ? A DA  5 N7    ? ? ? 1_555 B DT  2 N3 ? ? A DA  5  B DT  8  1_555 ? ? ? ? ? ? HOOGSTEEN    ?     ? ? 
hydrog11 hydrog ?    ? A DT  6 N3    ? ? ? 1_555 B DA  1 N7 ? ? A DT  6  B DA  7  1_555 ? ? ? ? ? ? HOOGSTEEN    ?     ? ? 
hydrog12 hydrog ?    ? A DT  6 O4    ? ? ? 1_555 B DA  1 N6 ? ? A DT  6  B DA  7  1_555 ? ? ? ? ? ? HOOGSTEEN    ?     ? ? 
hydrog13 hydrog ?    ? C DA  1 N6    ? ? ? 1_555 D BRU 4 O4 ? ? C DA  13 D BRU 22 1_555 ? ? ? ? ? ? HOOGSTEEN    ?     ? ? 
hydrog14 hydrog ?    ? C DA  1 N7    ? ? ? 1_555 D BRU 4 N3 ? ? C DA  13 D BRU 22 1_555 ? ? ? ? ? ? HOOGSTEEN    ?     ? ? 
hydrog15 hydrog ?    ? C DT  2 O2    ? ? ? 1_555 C DA  5 N6 ? ? C DT  14 C DA  17 1_555 ? ? ? ? ? ? 'DT-DA PAIR' ?     ? ? 
hydrog16 hydrog ?    ? C DT  2 N3    ? ? ? 1_555 D DA  3 N7 ? ? C DT  14 D DA  21 1_555 ? ? ? ? ? ? HOOGSTEEN    ?     ? ? 
hydrog17 hydrog ?    ? C DT  2 O4    ? ? ? 1_555 D DA  3 N6 ? ? C DT  14 D DA  21 1_555 ? ? ? ? ? ? HOOGSTEEN    ?     ? ? 
hydrog18 hydrog ?    ? C DA  3 N6    ? ? ? 1_555 D DT  2 O4 ? ? C DA  15 D DT  20 1_555 ? ? ? ? ? ? HOOGSTEEN    ?     ? ? 
hydrog19 hydrog ?    ? C DA  3 N7    ? ? ? 1_555 D DT  2 N3 ? ? C DA  15 D DT  20 1_555 ? ? ? ? ? ? HOOGSTEEN    ?     ? ? 
hydrog20 hydrog ?    ? C BRU 4 N3    ? ? ? 1_555 D DA  1 N7 ? ? C BRU 16 D DA  19 1_555 ? ? ? ? ? ? HOOGSTEEN    ?     ? ? 
hydrog21 hydrog ?    ? C BRU 4 O4    ? ? ? 1_555 D DA  1 N6 ? ? C BRU 16 D DA  19 1_555 ? ? ? ? ? ? HOOGSTEEN    ?     ? ? 
# 
loop_
_struct_conn_type.id 
_struct_conn_type.criteria 
_struct_conn_type.reference 
covale ? ? 
hydrog ? ? 
# 
_pdbx_validate_planes.id              1 
_pdbx_validate_planes.PDB_model_num   1 
_pdbx_validate_planes.auth_comp_id    DA 
_pdbx_validate_planes.auth_asym_id    B 
_pdbx_validate_planes.auth_seq_id     7 
_pdbx_validate_planes.PDB_ins_code    ? 
_pdbx_validate_planes.label_alt_id    ? 
_pdbx_validate_planes.rmsd            0.054 
_pdbx_validate_planes.type            'SIDE CHAIN' 
# 
loop_
_pdbx_struct_mod_residue.id 
_pdbx_struct_mod_residue.label_asym_id 
_pdbx_struct_mod_residue.label_comp_id 
_pdbx_struct_mod_residue.label_seq_id 
_pdbx_struct_mod_residue.auth_asym_id 
_pdbx_struct_mod_residue.auth_comp_id 
_pdbx_struct_mod_residue.auth_seq_id 
_pdbx_struct_mod_residue.PDB_ins_code 
_pdbx_struct_mod_residue.parent_comp_id 
_pdbx_struct_mod_residue.details 
1 A BRU 4 A BRU 4  ? DU ? 
2 B BRU 4 B BRU 10 ? DU ? 
3 C BRU 4 C BRU 16 ? DU ? 
4 D BRU 4 D BRU 22 ? DU ? 
# 
loop_
_chem_comp_atom.comp_id 
_chem_comp_atom.atom_id 
_chem_comp_atom.type_symbol 
_chem_comp_atom.pdbx_aromatic_flag 
_chem_comp_atom.pdbx_stereo_config 
_chem_comp_atom.pdbx_ordinal 
BRU N1     N  N N 1   
BRU C2     C  N N 2   
BRU N3     N  N N 3   
BRU C4     C  N N 4   
BRU C5     C  N N 5   
BRU C6     C  N N 6   
BRU O2     O  N N 7   
BRU O4     O  N N 8   
BRU BR     BR N N 9   
BRU "C1'"  C  N R 10  
BRU "C2'"  C  N N 11  
BRU "C3'"  C  N S 12  
BRU "C4'"  C  N R 13  
BRU "O3'"  O  N N 14  
BRU "O4'"  O  N N 15  
BRU "C5'"  C  N N 16  
BRU "O5'"  O  N N 17  
BRU P      P  N N 18  
BRU OP1    O  N N 19  
BRU OP2    O  N N 20  
BRU OP3    O  N N 21  
BRU HN3    H  N N 22  
BRU H6     H  N N 23  
BRU "H1'"  H  N N 24  
BRU "H2'"  H  N N 25  
BRU "H2''" H  N N 26  
BRU "H3'"  H  N N 27  
BRU "H4'"  H  N N 28  
BRU "HO3'" H  N N 29  
BRU "H5'"  H  N N 30  
BRU "H5''" H  N N 31  
BRU HOP2   H  N N 32  
BRU HOP3   H  N N 33  
DA  OP3    O  N N 34  
DA  P      P  N N 35  
DA  OP1    O  N N 36  
DA  OP2    O  N N 37  
DA  "O5'"  O  N N 38  
DA  "C5'"  C  N N 39  
DA  "C4'"  C  N R 40  
DA  "O4'"  O  N N 41  
DA  "C3'"  C  N S 42  
DA  "O3'"  O  N N 43  
DA  "C2'"  C  N N 44  
DA  "C1'"  C  N R 45  
DA  N9     N  Y N 46  
DA  C8     C  Y N 47  
DA  N7     N  Y N 48  
DA  C5     C  Y N 49  
DA  C6     C  Y N 50  
DA  N6     N  N N 51  
DA  N1     N  Y N 52  
DA  C2     C  Y N 53  
DA  N3     N  Y N 54  
DA  C4     C  Y N 55  
DA  HOP3   H  N N 56  
DA  HOP2   H  N N 57  
DA  "H5'"  H  N N 58  
DA  "H5''" H  N N 59  
DA  "H4'"  H  N N 60  
DA  "H3'"  H  N N 61  
DA  "HO3'" H  N N 62  
DA  "H2'"  H  N N 63  
DA  "H2''" H  N N 64  
DA  "H1'"  H  N N 65  
DA  H8     H  N N 66  
DA  H61    H  N N 67  
DA  H62    H  N N 68  
DA  H2     H  N N 69  
DT  OP3    O  N N 70  
DT  P      P  N N 71  
DT  OP1    O  N N 72  
DT  OP2    O  N N 73  
DT  "O5'"  O  N N 74  
DT  "C5'"  C  N N 75  
DT  "C4'"  C  N R 76  
DT  "O4'"  O  N N 77  
DT  "C3'"  C  N S 78  
DT  "O3'"  O  N N 79  
DT  "C2'"  C  N N 80  
DT  "C1'"  C  N R 81  
DT  N1     N  N N 82  
DT  C2     C  N N 83  
DT  O2     O  N N 84  
DT  N3     N  N N 85  
DT  C4     C  N N 86  
DT  O4     O  N N 87  
DT  C5     C  N N 88  
DT  C7     C  N N 89  
DT  C6     C  N N 90  
DT  HOP3   H  N N 91  
DT  HOP2   H  N N 92  
DT  "H5'"  H  N N 93  
DT  "H5''" H  N N 94  
DT  "H4'"  H  N N 95  
DT  "H3'"  H  N N 96  
DT  "HO3'" H  N N 97  
DT  "H2'"  H  N N 98  
DT  "H2''" H  N N 99  
DT  "H1'"  H  N N 100 
DT  H3     H  N N 101 
DT  H71    H  N N 102 
DT  H72    H  N N 103 
DT  H73    H  N N 104 
DT  H6     H  N N 105 
HOH O      O  N N 106 
HOH H1     H  N N 107 
HOH H2     H  N N 108 
# 
loop_
_chem_comp_bond.comp_id 
_chem_comp_bond.atom_id_1 
_chem_comp_bond.atom_id_2 
_chem_comp_bond.value_order 
_chem_comp_bond.pdbx_aromatic_flag 
_chem_comp_bond.pdbx_stereo_config 
_chem_comp_bond.pdbx_ordinal 
BRU N1    C2     sing N N 1   
BRU N1    C6     sing N N 2   
BRU N1    "C1'"  sing N N 3   
BRU C2    N3     sing N N 4   
BRU C2    O2     doub N N 5   
BRU N3    C4     sing N N 6   
BRU N3    HN3    sing N N 7   
BRU C4    C5     sing N N 8   
BRU C4    O4     doub N N 9   
BRU C5    C6     doub N N 10  
BRU C5    BR     sing N N 11  
BRU C6    H6     sing N N 12  
BRU "C1'" "C2'"  sing N N 13  
BRU "C1'" "O4'"  sing N N 14  
BRU "C1'" "H1'"  sing N N 15  
BRU "C2'" "C3'"  sing N N 16  
BRU "C2'" "H2'"  sing N N 17  
BRU "C2'" "H2''" sing N N 18  
BRU "C3'" "C4'"  sing N N 19  
BRU "C3'" "O3'"  sing N N 20  
BRU "C3'" "H3'"  sing N N 21  
BRU "C4'" "O4'"  sing N N 22  
BRU "C4'" "C5'"  sing N N 23  
BRU "C4'" "H4'"  sing N N 24  
BRU "O3'" "HO3'" sing N N 25  
BRU "C5'" "O5'"  sing N N 26  
BRU "C5'" "H5'"  sing N N 27  
BRU "C5'" "H5''" sing N N 28  
BRU "O5'" P      sing N N 29  
BRU P     OP1    doub N N 30  
BRU P     OP2    sing N N 31  
BRU P     OP3    sing N N 32  
BRU OP2   HOP2   sing N N 33  
BRU OP3   HOP3   sing N N 34  
DA  OP3   P      sing N N 35  
DA  OP3   HOP3   sing N N 36  
DA  P     OP1    doub N N 37  
DA  P     OP2    sing N N 38  
DA  P     "O5'"  sing N N 39  
DA  OP2   HOP2   sing N N 40  
DA  "O5'" "C5'"  sing N N 41  
DA  "C5'" "C4'"  sing N N 42  
DA  "C5'" "H5'"  sing N N 43  
DA  "C5'" "H5''" sing N N 44  
DA  "C4'" "O4'"  sing N N 45  
DA  "C4'" "C3'"  sing N N 46  
DA  "C4'" "H4'"  sing N N 47  
DA  "O4'" "C1'"  sing N N 48  
DA  "C3'" "O3'"  sing N N 49  
DA  "C3'" "C2'"  sing N N 50  
DA  "C3'" "H3'"  sing N N 51  
DA  "O3'" "HO3'" sing N N 52  
DA  "C2'" "C1'"  sing N N 53  
DA  "C2'" "H2'"  sing N N 54  
DA  "C2'" "H2''" sing N N 55  
DA  "C1'" N9     sing N N 56  
DA  "C1'" "H1'"  sing N N 57  
DA  N9    C8     sing Y N 58  
DA  N9    C4     sing Y N 59  
DA  C8    N7     doub Y N 60  
DA  C8    H8     sing N N 61  
DA  N7    C5     sing Y N 62  
DA  C5    C6     sing Y N 63  
DA  C5    C4     doub Y N 64  
DA  C6    N6     sing N N 65  
DA  C6    N1     doub Y N 66  
DA  N6    H61    sing N N 67  
DA  N6    H62    sing N N 68  
DA  N1    C2     sing Y N 69  
DA  C2    N3     doub Y N 70  
DA  C2    H2     sing N N 71  
DA  N3    C4     sing Y N 72  
DT  OP3   P      sing N N 73  
DT  OP3   HOP3   sing N N 74  
DT  P     OP1    doub N N 75  
DT  P     OP2    sing N N 76  
DT  P     "O5'"  sing N N 77  
DT  OP2   HOP2   sing N N 78  
DT  "O5'" "C5'"  sing N N 79  
DT  "C5'" "C4'"  sing N N 80  
DT  "C5'" "H5'"  sing N N 81  
DT  "C5'" "H5''" sing N N 82  
DT  "C4'" "O4'"  sing N N 83  
DT  "C4'" "C3'"  sing N N 84  
DT  "C4'" "H4'"  sing N N 85  
DT  "O4'" "C1'"  sing N N 86  
DT  "C3'" "O3'"  sing N N 87  
DT  "C3'" "C2'"  sing N N 88  
DT  "C3'" "H3'"  sing N N 89  
DT  "O3'" "HO3'" sing N N 90  
DT  "C2'" "C1'"  sing N N 91  
DT  "C2'" "H2'"  sing N N 92  
DT  "C2'" "H2''" sing N N 93  
DT  "C1'" N1     sing N N 94  
DT  "C1'" "H1'"  sing N N 95  
DT  N1    C2     sing N N 96  
DT  N1    C6     sing N N 97  
DT  C2    O2     doub N N 98  
DT  C2    N3     sing N N 99  
DT  N3    C4     sing N N 100 
DT  N3    H3     sing N N 101 
DT  C4    O4     doub N N 102 
DT  C4    C5     sing N N 103 
DT  C5    C7     sing N N 104 
DT  C5    C6     doub N N 105 
DT  C7    H71    sing N N 106 
DT  C7    H72    sing N N 107 
DT  C7    H73    sing N N 108 
DT  C6    H6     sing N N 109 
HOH O     H1     sing N N 110 
HOH O     H2     sing N N 111 
# 
_ndb_struct_conf_na.entry_id   1GQU 
_ndb_struct_conf_na.feature    'double helix' 
# 
loop_
_ndb_struct_na_base_pair.model_number 
_ndb_struct_na_base_pair.i_label_asym_id 
_ndb_struct_na_base_pair.i_label_comp_id 
_ndb_struct_na_base_pair.i_label_seq_id 
_ndb_struct_na_base_pair.i_symmetry 
_ndb_struct_na_base_pair.j_label_asym_id 
_ndb_struct_na_base_pair.j_label_comp_id 
_ndb_struct_na_base_pair.j_label_seq_id 
_ndb_struct_na_base_pair.j_symmetry 
_ndb_struct_na_base_pair.shear 
_ndb_struct_na_base_pair.stretch 
_ndb_struct_na_base_pair.stagger 
_ndb_struct_na_base_pair.buckle 
_ndb_struct_na_base_pair.propeller 
_ndb_struct_na_base_pair.opening 
_ndb_struct_na_base_pair.pair_number 
_ndb_struct_na_base_pair.pair_name 
_ndb_struct_na_base_pair.i_auth_asym_id 
_ndb_struct_na_base_pair.i_auth_seq_id 
_ndb_struct_na_base_pair.i_PDB_ins_code 
_ndb_struct_na_base_pair.j_auth_asym_id 
_ndb_struct_na_base_pair.j_auth_seq_id 
_ndb_struct_na_base_pair.j_PDB_ins_code 
_ndb_struct_na_base_pair.hbond_type_28 
_ndb_struct_na_base_pair.hbond_type_12 
1 B DA  1 1_555 A DT  6 1_555 0.779  -3.761 1.546  -15.024 24.077  67.942  1  B_DA7:DT6_A    B 7  ? A 6  ? 23 3 
1 B DT  2 1_555 A DA  5 1_555 0.227  3.411  0.639  -21.961 3.037   -62.026 2  B_DT8:DA5_A    B 8  ? A 5  ? 23 3 
1 B DA  3 1_555 A BRU 4 1_555 0.178  -3.516 -0.331 5.525   10.827  66.288  3  B_DA9:BRU4_A   B 9  ? A 4  ? 23 3 
1 B BRU 4 1_555 A DA  3 1_555 -0.269 3.454  0.192  -8.238  -4.263  -62.434 4  B_BRU10:DA3_A  B 10 ? A 3  ? 23 3 
1 B DA  5 1_555 A DT  2 1_555 0.184  -3.774 -0.607 16.497  -3.693  57.511  5  B_DA11:DT2_A   B 11 ? A 2  ? 23 3 
1 B DT  6 1_555 A DA  1 1_555 -0.416 3.578  -0.860 10.571  -20.982 -64.774 6  B_DT12:DA1_A   B 12 ? A 1  ? 23 3 
1 C BRU 4 1_555 D DA  1 1_555 -0.382 3.625  -0.387 10.304  -19.316 -65.392 7  C_BRU16:DA19_D C 16 ? D 19 ? 23 3 
1 C DA  3 1_555 D DT  2 1_555 0.745  -3.720 -0.303 8.844   -0.681  66.787  8  C_DA15:DT20_D  C 15 ? D 20 ? 23 3 
1 C DT  2 1_555 D DA  3 1_555 -0.554 3.880  0.382  -9.406  0.915   -61.758 9  C_DT14:DA21_D  C 14 ? D 21 ? 23 3 
1 C DA  1 1_555 D BRU 4 1_555 0.148  -3.611 0.258  -2.368  20.199  61.505  10 C_DA13:BRU22_D C 13 ? D 22 ? 23 3 
# 
loop_
_ndb_struct_na_base_pair_step.model_number 
_ndb_struct_na_base_pair_step.i_label_asym_id_1 
_ndb_struct_na_base_pair_step.i_label_comp_id_1 
_ndb_struct_na_base_pair_step.i_label_seq_id_1 
_ndb_struct_na_base_pair_step.i_symmetry_1 
_ndb_struct_na_base_pair_step.j_label_asym_id_1 
_ndb_struct_na_base_pair_step.j_label_comp_id_1 
_ndb_struct_na_base_pair_step.j_label_seq_id_1 
_ndb_struct_na_base_pair_step.j_symmetry_1 
_ndb_struct_na_base_pair_step.i_label_asym_id_2 
_ndb_struct_na_base_pair_step.i_label_comp_id_2 
_ndb_struct_na_base_pair_step.i_label_seq_id_2 
_ndb_struct_na_base_pair_step.i_symmetry_2 
_ndb_struct_na_base_pair_step.j_label_asym_id_2 
_ndb_struct_na_base_pair_step.j_label_comp_id_2 
_ndb_struct_na_base_pair_step.j_label_seq_id_2 
_ndb_struct_na_base_pair_step.j_symmetry_2 
_ndb_struct_na_base_pair_step.shift 
_ndb_struct_na_base_pair_step.slide 
_ndb_struct_na_base_pair_step.rise 
_ndb_struct_na_base_pair_step.tilt 
_ndb_struct_na_base_pair_step.roll 
_ndb_struct_na_base_pair_step.twist 
_ndb_struct_na_base_pair_step.x_displacement 
_ndb_struct_na_base_pair_step.y_displacement 
_ndb_struct_na_base_pair_step.helical_rise 
_ndb_struct_na_base_pair_step.inclination 
_ndb_struct_na_base_pair_step.tip 
_ndb_struct_na_base_pair_step.helical_twist 
_ndb_struct_na_base_pair_step.step_number 
_ndb_struct_na_base_pair_step.step_name 
_ndb_struct_na_base_pair_step.i_auth_asym_id_1 
_ndb_struct_na_base_pair_step.i_auth_seq_id_1 
_ndb_struct_na_base_pair_step.i_PDB_ins_code_1 
_ndb_struct_na_base_pair_step.j_auth_asym_id_1 
_ndb_struct_na_base_pair_step.j_auth_seq_id_1 
_ndb_struct_na_base_pair_step.j_PDB_ins_code_1 
_ndb_struct_na_base_pair_step.i_auth_asym_id_2 
_ndb_struct_na_base_pair_step.i_auth_seq_id_2 
_ndb_struct_na_base_pair_step.i_PDB_ins_code_2 
_ndb_struct_na_base_pair_step.j_auth_asym_id_2 
_ndb_struct_na_base_pair_step.j_auth_seq_id_2 
_ndb_struct_na_base_pair_step.j_PDB_ins_code_2 
1 B DA  1 1_555 A DT  6 1_555 B DT  2 1_555 A DA  5 1_555 -1.051 -3.656 -1.718 92.215   -144.876 105.421  -2.052 0.385  0.156  
-73.149 -46.560 174.995  1 BB_DA7DT8:DA5DT6_AA      B 7  ? A 6  ? B 8  ? A 5  ? 
1 B DT  2 1_555 A DA  5 1_555 B DA  3 1_555 A BRU 4 1_555 -1.831 4.582  -3.017 157.550  -74.214  -94.229  -2.524 -1.409 0.242  
37.440  79.481  -176.023 2 BB_DT8DA9:BRU4DA5_AA     B 8  ? A 5  ? B 9  ? A 4  ? 
1 B DA  3 1_555 A BRU 4 1_555 B BRU 4 1_555 A DA  3 1_555 1.419  3.461  3.035  -92.362  149.353  -76.864  -2.389 0.303  0.167  
-75.384 -46.618 -176.558 3 BB_DA9BRU10:DA3BRU4_AA   B 9  ? A 4  ? B 10 ? A 3  ? 
1 B BRU 4 1_555 A DA  3 1_555 B DA  5 1_555 A DT  2 1_555 -3.185 4.834  -0.811 161.154  -66.569  -163.488 -2.430 -1.624 -0.116 
33.296  80.604  -179.191 4 BB_BRU10DA11:DT2DA3_AA   B 10 ? A 3  ? B 11 ? A 2  ? 
1 B DA  5 1_555 A DT  2 1_555 B DT  6 1_555 A DA  1 1_555 0.881  4.074  1.329  -95.135  147.802  -123.754 -2.154 0.365  -0.217 
-74.111 -47.703 -178.008 5 BB_DA11DT12:DA1DT2_AA    B 11 ? A 2  ? B 12 ? A 1  ? 
1 B DT  6 1_555 A DA  1 1_555 C BRU 4 1_555 D DA  1 1_555 -0.518 4.303  -1.207 161.523  -58.121  -122.134 -2.211 -0.420 -0.118 
29.236  81.250  -175.969 6 BC_DT12BRU16:DA19DA1_DA  B 12 ? A 1  ? C 16 ? D 19 ? 
1 C BRU 4 1_555 D DA  1 1_555 C DA  3 1_555 D DT  2 1_555 0.325  4.705  0.145  -98.855  148.416  -165.485 -2.347 0.166  -0.328 
-74.214 -49.431 -179.788 7 CC_BRU16DA15:DT20DA19_DD C 16 ? D 19 ? C 15 ? D 20 ? 
1 C DA  3 1_555 D DT  2 1_555 C DT  2 1_555 D DA  3 1_555 3.407  -4.889 0.099  -165.332 62.373   178.601  -2.445 -1.704 0.039  
31.186  82.666  179.960  8 CC_DA15DT14:DA21DT20_DD  C 15 ? D 20 ? C 14 ? D 21 ? 
1 C DT  2 1_555 D DA  3 1_555 C DA  1 1_555 D BRU 4 1_555 0.586  4.192  2.368  -100.619 145.978  -114.568 -2.419 0.071  0.307  
-73.166 -50.431 -178.538 9 CC_DT14DA13:BRU22DA21_DD C 14 ? D 21 ? C 13 ? D 22 ? 
# 
_atom_sites.entry_id                    1GQU 
_atom_sites.fract_transf_matrix[1][1]   -0.02948500 
_atom_sites.fract_transf_matrix[1][2]   0.02555214 
_atom_sites.fract_transf_matrix[1][3]   0.01500999 
_atom_sites.fract_transf_matrix[2][1]   0.00280335 
_atom_sites.fract_transf_matrix[2][2]   -0.00774666 
_atom_sites.fract_transf_matrix[2][3]   0.01869424 
_atom_sites.fract_transf_matrix[3][1]   0.02032256 
_atom_sites.fract_transf_matrix[3][2]   0.02263055 
_atom_sites.fract_transf_matrix[3][3]   0.00633029 
_atom_sites.fract_transf_vector[1]      0.768289 
_atom_sites.fract_transf_vector[2]      0.575513 
_atom_sites.fract_transf_vector[3]      0.553464 
# 
loop_
_atom_type.symbol 
BR 
C  
N  
O  
P  
# 
loop_
_atom_site.group_PDB 
_atom_site.id 
_atom_site.type_symbol 
_atom_site.label_atom_id 
_atom_site.label_alt_id 
_atom_site.label_comp_id 
_atom_site.label_asym_id 
_atom_site.label_entity_id 
_atom_site.label_seq_id 
_atom_site.pdbx_PDB_ins_code 
_atom_site.Cartn_x 
_atom_site.Cartn_y 
_atom_site.Cartn_z 
_atom_site.occupancy 
_atom_site.B_iso_or_equiv 
_atom_site.pdbx_formal_charge 
_atom_site.auth_seq_id 
_atom_site.auth_comp_id 
_atom_site.auth_asym_id 
_atom_site.auth_atom_id 
_atom_site.pdbx_PDB_model_num 
ATOM   1   O  "O5'" . DA  A 1 1 ? 2.596   -3.255  2.870   1.00 17.14 ? 1    DA  A "O5'" 1 
ATOM   2   C  "C5'" . DA  A 1 1 ? 2.564   -4.558  2.283   1.00 18.40 ? 1    DA  A "C5'" 1 
ATOM   3   C  "C4'" . DA  A 1 1 ? 3.388   -4.589  1.016   1.00 18.40 ? 1    DA  A "C4'" 1 
ATOM   4   O  "O4'" . DA  A 1 1 ? 2.731   -3.811  -0.019  1.00 18.40 ? 1    DA  A "O4'" 1 
ATOM   5   C  "C3'" . DA  A 1 1 ? 4.777   -3.975  1.164   1.00 18.40 ? 1    DA  A "C3'" 1 
ATOM   6   O  "O3'" . DA  A 1 1 ? 5.697   -4.717  0.352   1.00 18.40 ? 1    DA  A "O3'" 1 
ATOM   7   C  "C2'" . DA  A 1 1 ? 4.579   -2.556  0.658   1.00 18.40 ? 1    DA  A "C2'" 1 
ATOM   8   C  "C1'" . DA  A 1 1 ? 3.587   -2.778  -0.461  1.00 18.40 ? 1    DA  A "C1'" 1 
ATOM   9   N  N9    . DA  A 1 1 ? 2.748   -1.647  -0.852  1.00 12.71 ? 1    DA  A N9    1 
ATOM   10  C  C8    . DA  A 1 1 ? 2.653   -1.119  -2.118  1.00 12.71 ? 1    DA  A C8    1 
ATOM   11  N  N7    . DA  A 1 1 ? 1.782   -0.147  -2.219  1.00 12.71 ? 1    DA  A N7    1 
ATOM   12  C  C5    . DA  A 1 1 ? 1.273   -0.015  -0.940  1.00 12.71 ? 1    DA  A C5    1 
ATOM   13  C  C6    . DA  A 1 1 ? 0.292   0.830   -0.399  1.00 12.71 ? 1    DA  A C6    1 
ATOM   14  N  N6    . DA  A 1 1 ? -0.420  1.699   -1.127  1.00 12.71 ? 1    DA  A N6    1 
ATOM   15  N  N1    . DA  A 1 1 ? 0.042   0.736   0.930   1.00 12.71 ? 1    DA  A N1    1 
ATOM   16  C  C2    . DA  A 1 1 ? 0.709   -0.178  1.640   1.00 12.71 ? 1    DA  A C2    1 
ATOM   17  N  N3    . DA  A 1 1 ? 1.634   -1.054  1.237   1.00 12.71 ? 1    DA  A N3    1 
ATOM   18  C  C4    . DA  A 1 1 ? 1.876   -0.917  -0.077  1.00 12.71 ? 1    DA  A C4    1 
ATOM   19  P  P     . DT  A 1 2 ? 7.259   -4.343  0.367   1.00 31.54 ? 2    DT  A P     1 
ATOM   20  O  OP1   . DT  A 1 2 ? 8.023   -5.546  -0.041  1.00 31.54 ? 2    DT  A OP1   1 
ATOM   21  O  OP2   . DT  A 1 2 ? 7.578   -3.663  1.647   1.00 31.54 ? 2    DT  A OP2   1 
ATOM   22  O  "O5'" . DT  A 1 2 ? 7.374   -3.287  -0.809  1.00 31.54 ? 2    DT  A "O5'" 1 
ATOM   23  C  "C5'" . DT  A 1 2 ? 6.989   -3.660  -2.116  1.00 19.81 ? 2    DT  A "C5'" 1 
ATOM   24  C  "C4'" . DT  A 1 2 ? 7.231   -2.531  -3.087  1.00 19.81 ? 2    DT  A "C4'" 1 
ATOM   25  O  "O4'" . DT  A 1 2 ? 6.149   -1.575  -2.996  1.00 19.81 ? 2    DT  A "O4'" 1 
ATOM   26  C  "C3'" . DT  A 1 2 ? 8.541   -1.742  -2.952  1.00 19.81 ? 2    DT  A "C3'" 1 
ATOM   27  O  "O3'" . DT  A 1 2 ? 9.175   -1.711  -4.228  1.00 19.81 ? 2    DT  A "O3'" 1 
ATOM   28  C  "C2'" . DT  A 1 2 ? 8.077   -0.347  -2.544  1.00 19.81 ? 2    DT  A "C2'" 1 
ATOM   29  C  "C1'" . DT  A 1 2 ? 6.666   -0.265  -3.110  1.00 19.81 ? 2    DT  A "C1'" 1 
ATOM   30  N  N1    . DT  A 1 2 ? 5.719   0.643   -2.415  1.00 12.61 ? 2    DT  A N1    1 
ATOM   31  C  C2    . DT  A 1 2 ? 5.005   1.551   -3.168  1.00 12.61 ? 2    DT  A C2    1 
ATOM   32  O  O2    . DT  A 1 2 ? 5.153   1.690   -4.359  1.00 12.61 ? 2    DT  A O2    1 
ATOM   33  N  N3    . DT  A 1 2 ? 4.107   2.308   -2.455  1.00 12.61 ? 2    DT  A N3    1 
ATOM   34  C  C4    . DT  A 1 2 ? 3.865   2.264   -1.090  1.00 12.61 ? 2    DT  A C4    1 
ATOM   35  O  O4    . DT  A 1 2 ? 3.005   3.004   -0.592  1.00 12.61 ? 2    DT  A O4    1 
ATOM   36  C  C5    . DT  A 1 2 ? 4.679   1.309   -0.356  1.00 12.61 ? 2    DT  A C5    1 
ATOM   37  C  C7    . DT  A 1 2 ? 4.524   1.192   1.130   1.00 12.61 ? 2    DT  A C7    1 
ATOM   38  C  C6    . DT  A 1 2 ? 5.547   0.562   -1.051  1.00 12.61 ? 2    DT  A C6    1 
ATOM   39  P  P     . DA  A 1 3 ? 10.694  -1.189  -4.387  1.00 30.05 ? 3    DA  A P     1 
ATOM   40  O  OP1   . DA  A 1 3 ? 11.449  -2.188  -5.179  1.00 30.05 ? 3    DA  A OP1   1 
ATOM   41  O  OP2   . DA  A 1 3 ? 11.210  -0.732  -3.079  1.00 30.05 ? 3    DA  A OP2   1 
ATOM   42  O  "O5'" . DA  A 1 3 ? 10.508  0.059   -5.336  1.00 30.05 ? 3    DA  A "O5'" 1 
ATOM   43  C  "C5'" . DA  A 1 3 ? 9.363   0.859   -5.162  1.00 30.29 ? 3    DA  A "C5'" 1 
ATOM   44  C  "C4'" . DA  A 1 3 ? 9.269   1.904   -6.236  1.00 30.29 ? 3    DA  A "C4'" 1 
ATOM   45  O  "O4'" . DA  A 1 3 ? 8.081   2.651   -5.908  1.00 30.29 ? 3    DA  A "O4'" 1 
ATOM   46  C  "C3'" . DA  A 1 3 ? 10.409  2.914   -6.250  1.00 30.29 ? 3    DA  A "C3'" 1 
ATOM   47  O  "O3'" . DA  A 1 3 ? 10.552  3.391   -7.601  1.00 30.29 ? 3    DA  A "O3'" 1 
ATOM   48  C  "C2'" . DA  A 1 3 ? 9.921   3.975   -5.279  1.00 30.29 ? 3    DA  A "C2'" 1 
ATOM   49  C  "C1'" . DA  A 1 3 ? 8.419   3.957   -5.508  1.00 30.29 ? 3    DA  A "C1'" 1 
ATOM   50  N  N9    . DA  A 1 3 ? 7.584   4.287   -4.359  1.00 18.69 ? 3    DA  A N9    1 
ATOM   51  C  C8    . DA  A 1 3 ? 6.431   5.019   -4.406  1.00 18.69 ? 3    DA  A C8    1 
ATOM   52  N  N7    . DA  A 1 3 ? 5.874   5.200   -3.243  1.00 18.69 ? 3    DA  A N7    1 
ATOM   53  C  C5    . DA  A 1 3 ? 6.716   4.541   -2.361  1.00 18.69 ? 3    DA  A C5    1 
ATOM   54  C  C6    . DA  A 1 3 ? 6.673   4.376   -0.968  1.00 18.69 ? 3    DA  A C6    1 
ATOM   55  N  N6    . DA  A 1 3 ? 5.726   4.915   -0.194  1.00 18.69 ? 3    DA  A N6    1 
ATOM   56  N  N1    . DA  A 1 3 ? 7.652   3.644   -0.390  1.00 18.69 ? 3    DA  A N1    1 
ATOM   57  C  C2    . DA  A 1 3 ? 8.614   3.133   -1.174  1.00 18.69 ? 3    DA  A C2    1 
ATOM   58  N  N3    . DA  A 1 3 ? 8.766   3.235   -2.495  1.00 18.69 ? 3    DA  A N3    1 
ATOM   59  C  C4    . DA  A 1 3 ? 7.768   3.961   -3.034  1.00 18.69 ? 3    DA  A C4    1 
HETATM 60  N  N1    . BRU A 1 4 ? 8.224   8.246   -5.030  1.00 22.53 ? 4    BRU A N1    1 
HETATM 61  C  C2    . BRU A 1 4 ? 7.189   8.806   -4.282  1.00 22.53 ? 4    BRU A C2    1 
HETATM 62  N  N3    . BRU A 1 4 ? 7.218   8.525   -2.940  1.00 22.53 ? 4    BRU A N3    1 
HETATM 63  C  C4    . BRU A 1 4 ? 8.137   7.776   -2.255  1.00 22.53 ? 4    BRU A C4    1 
HETATM 64  C  C5    . BRU A 1 4 ? 9.205   7.218   -3.075  1.00 22.53 ? 4    BRU A C5    1 
HETATM 65  C  C6    . BRU A 1 4 ? 9.203   7.468   -4.411  1.00 22.53 ? 4    BRU A C6    1 
HETATM 66  O  O2    . BRU A 1 4 ? 6.307   9.505   -4.767  1.00 22.53 ? 4    BRU A O2    1 
HETATM 67  O  O4    . BRU A 1 4 ? 7.981   7.632   -1.041  1.00 22.53 ? 4    BRU A O4    1 
HETATM 68  BR BR    . BRU A 1 4 ? 10.339  6.344   -2.438  1.00 36.29 ? 4    BRU A BR    1 
HETATM 69  C  "C1'" . BRU A 1 4 ? 8.228   8.514   -6.482  1.00 14.68 ? 4    BRU A "C1'" 1 
HETATM 70  C  "C2'" . BRU A 1 4 ? 9.564   8.900   -7.106  1.00 14.68 ? 4    BRU A "C2'" 1 
HETATM 71  C  "C3'" . BRU A 1 4 ? 9.420   8.422   -8.546  1.00 14.68 ? 4    BRU A "C3'" 1 
HETATM 72  C  "C4'" . BRU A 1 4 ? 8.512   7.203   -8.422  1.00 14.68 ? 4    BRU A "C4'" 1 
HETATM 73  O  "O3'" . BRU A 1 4 ? 8.765   9.385   -9.370  1.00 14.68 ? 4    BRU A "O3'" 1 
HETATM 74  O  "O4'" . BRU A 1 4 ? 7.820   7.332   -7.149  1.00 14.68 ? 4    BRU A "O4'" 1 
HETATM 75  C  "C5'" . BRU A 1 4 ? 9.228   5.878   -8.545  1.00 14.68 ? 4    BRU A "C5'" 1 
HETATM 76  O  "O5'" . BRU A 1 4 ? 10.445  5.900   -7.820  1.00 30.22 ? 4    BRU A "O5'" 1 
HETATM 77  P  P     . BRU A 1 4 ? 11.462  4.682   -7.927  1.00 30.22 ? 4    BRU A P     1 
HETATM 78  O  OP1   . BRU A 1 4 ? 11.878  4.557   -9.348  1.00 30.22 ? 4    BRU A OP1   1 
HETATM 79  O  OP2   . BRU A 1 4 ? 12.500  4.841   -6.864  1.00 30.22 ? 4    BRU A OP2   1 
ATOM   80  P  P     . DA  A 1 5 ? 9.595   10.612  -9.977  1.00 21.42 ? 5    DA  A P     1 
ATOM   81  O  OP1   . DA  A 1 5 ? 9.087   10.833  -11.357 1.00 21.42 ? 5    DA  A OP1   1 
ATOM   82  O  OP2   . DA  A 1 5 ? 11.042  10.368  -9.731  1.00 21.42 ? 5    DA  A OP2   1 
ATOM   83  O  "O5'" . DA  A 1 5 ? 9.154   11.841  -9.078  1.00 21.42 ? 5    DA  A "O5'" 1 
ATOM   84  C  "C5'" . DA  A 1 5 ? 7.789   12.150  -8.937  1.00 16.50 ? 5    DA  A "C5'" 1 
ATOM   85  C  "C4'" . DA  A 1 5 ? 7.605   13.170  -7.846  1.00 16.50 ? 5    DA  A "C4'" 1 
ATOM   86  O  "O4'" . DA  A 1 5 ? 7.522   12.525  -6.557  1.00 16.50 ? 5    DA  A "O4'" 1 
ATOM   87  C  "C3'" . DA  A 1 5 ? 8.702   14.232  -7.736  1.00 16.50 ? 5    DA  A "C3'" 1 
ATOM   88  O  "O3'" . DA  A 1 5 ? 8.101   15.528  -7.734  1.00 16.50 ? 5    DA  A "O3'" 1 
ATOM   89  C  "C2'" . DA  A 1 5 ? 9.361   13.929  -6.396  1.00 16.50 ? 5    DA  A "C2'" 1 
ATOM   90  C  "C1'" . DA  A 1 5 ? 8.211   13.322  -5.622  1.00 16.50 ? 5    DA  A "C1'" 1 
ATOM   91  N  N9    . DA  A 1 5 ? 8.526   12.489  -4.458  1.00 19.81 ? 5    DA  A N9    1 
ATOM   92  C  C8    . DA  A 1 5 ? 7.714   12.343  -3.371  1.00 19.81 ? 5    DA  A C8    1 
ATOM   93  N  N7    . DA  A 1 5 ? 8.213   11.581  -2.437  1.00 19.81 ? 5    DA  A N7    1 
ATOM   94  C  C5    . DA  A 1 5 ? 9.440   11.193  -2.942  1.00 19.81 ? 5    DA  A C5    1 
ATOM   95  C  C6    . DA  A 1 5 ? 10.457  10.387  -2.414  1.00 19.81 ? 5    DA  A C6    1 
ATOM   96  N  N6    . DA  A 1 5 ? 10.409  9.855   -1.191  1.00 19.81 ? 5    DA  A N6    1 
ATOM   97  N  N1    . DA  A 1 5 ? 11.546  10.160  -3.185  1.00 19.81 ? 5    DA  A N1    1 
ATOM   98  C  C2    . DA  A 1 5 ? 11.606  10.742  -4.387  1.00 19.81 ? 5    DA  A C2    1 
ATOM   99  N  N3    . DA  A 1 5 ? 10.722  11.547  -4.978  1.00 19.81 ? 5    DA  A N3    1 
ATOM   100 C  C4    . DA  A 1 5 ? 9.644   11.729  -4.194  1.00 19.81 ? 5    DA  A C4    1 
ATOM   101 P  P     . DT  A 1 6 ? 9.020   16.842  -7.798  1.00 28.38 ? 6    DT  A P     1 
ATOM   102 O  OP1   . DT  A 1 6 ? 8.423   17.713  -8.836  1.00 28.38 ? 6    DT  A OP1   1 
ATOM   103 O  OP2   . DT  A 1 6 ? 10.450  16.447  -7.901  1.00 28.38 ? 6    DT  A OP2   1 
ATOM   104 O  "O5'" . DT  A 1 6 ? 8.756   17.516  -6.380  1.00 28.38 ? 6    DT  A "O5'" 1 
ATOM   105 C  "C5'" . DT  A 1 6 ? 7.415   17.814  -5.983  1.00 23.83 ? 6    DT  A "C5'" 1 
ATOM   106 C  "C4'" . DT  A 1 6 ? 7.352   18.214  -4.528  1.00 23.83 ? 6    DT  A "C4'" 1 
ATOM   107 O  "O4'" . DT  A 1 6 ? 7.601   17.076  -3.662  1.00 23.83 ? 6    DT  A "O4'" 1 
ATOM   108 C  "C3'" . DT  A 1 6 ? 8.332   19.310  -4.112  1.00 23.83 ? 6    DT  A "C3'" 1 
ATOM   109 O  "O3'" . DT  A 1 6 ? 7.669   20.280  -3.298  1.00 23.83 ? 6    DT  A "O3'" 1 
ATOM   110 C  "C2'" . DT  A 1 6 ? 9.356   18.565  -3.279  1.00 23.83 ? 6    DT  A "C2'" 1 
ATOM   111 C  "C1'" . DT  A 1 6 ? 8.529   17.445  -2.662  1.00 23.83 ? 6    DT  A "C1'" 1 
ATOM   112 N  N1    . DT  A 1 6 ? 9.292   16.241  -2.264  1.00 15.39 ? 6    DT  A N1    1 
ATOM   113 C  C2    . DT  A 1 6 ? 8.841   15.470  -1.199  1.00 15.39 ? 6    DT  A C2    1 
ATOM   114 O  O2    . DT  A 1 6 ? 7.825   15.708  -0.568  1.00 15.39 ? 6    DT  A O2    1 
ATOM   115 N  N3    . DT  A 1 6 ? 9.639   14.395  -0.895  1.00 15.39 ? 6    DT  A N3    1 
ATOM   116 C  C4    . DT  A 1 6 ? 10.806  14.019  -1.528  1.00 15.39 ? 6    DT  A C4    1 
ATOM   117 O  O4    . DT  A 1 6 ? 11.422  13.039  -1.135  1.00 15.39 ? 6    DT  A O4    1 
ATOM   118 C  C5    . DT  A 1 6 ? 11.207  14.855  -2.636  1.00 15.39 ? 6    DT  A C5    1 
ATOM   119 C  C7    . DT  A 1 6 ? 12.448  14.509  -3.394  1.00 15.39 ? 6    DT  A C7    1 
ATOM   120 C  C6    . DT  A 1 6 ? 10.444  15.907  -2.941  1.00 15.39 ? 6    DT  A C6    1 
ATOM   121 O  "O5'" . DA  B 1 1 ? 9.434   12.791  7.730   1.00 28.06 ? 7    DA  B "O5'" 1 
ATOM   122 C  "C5'" . DA  B 1 1 ? 9.527   14.128  8.224   1.00 12.21 ? 7    DA  B "C5'" 1 
ATOM   123 C  "C4'" . DA  B 1 1 ? 8.674   15.053  7.384   1.00 12.21 ? 7    DA  B "C4'" 1 
ATOM   124 O  "O4'" . DA  B 1 1 ? 9.218   15.167  6.043   1.00 12.21 ? 7    DA  B "O4'" 1 
ATOM   125 C  "C3'" . DA  B 1 1 ? 7.232   14.592  7.201   1.00 12.21 ? 7    DA  B "C3'" 1 
ATOM   126 O  "O3'" . DA  B 1 1 ? 6.376   15.734  7.152   1.00 12.21 ? 7    DA  B "O3'" 1 
ATOM   127 C  "C2'" . DA  B 1 1 ? 7.268   13.887  5.860   1.00 12.21 ? 7    DA  B "C2'" 1 
ATOM   128 C  "C1'" . DA  B 1 1 ? 8.265   14.729  5.093   1.00 12.21 ? 7    DA  B "C1'" 1 
ATOM   129 N  N9    . DA  B 1 1 ? 8.987   14.054  4.009   1.00 16.35 ? 7    DA  B N9    1 
ATOM   130 C  C8    . DA  B 1 1 ? 8.948   14.398  2.683   1.00 16.35 ? 7    DA  B C8    1 
ATOM   131 N  N7    . DA  B 1 1 ? 9.772   13.711  1.934   1.00 16.35 ? 7    DA  B N7    1 
ATOM   132 C  C5    . DA  B 1 1 ? 10.376  12.833  2.818   1.00 16.35 ? 7    DA  B C5    1 
ATOM   133 C  C6    . DA  B 1 1 ? 11.372  11.854  2.644   1.00 16.35 ? 7    DA  B C6    1 
ATOM   134 N  N6    . DA  B 1 1 ? 11.988  11.627  1.481   1.00 16.35 ? 7    DA  B N6    1 
ATOM   135 N  N1    . DA  B 1 1 ? 11.736  11.127  3.722   1.00 16.35 ? 7    DA  B N1    1 
ATOM   136 C  C2    . DA  B 1 1 ? 11.154  11.398  4.897   1.00 16.35 ? 7    DA  B C2    1 
ATOM   137 N  N3    . DA  B 1 1 ? 10.229  12.315  5.194   1.00 16.35 ? 7    DA  B N3    1 
ATOM   138 C  C4    . DA  B 1 1 ? 9.879   13.008  4.097   1.00 16.35 ? 7    DA  B C4    1 
ATOM   139 P  P     . DT  B 1 2 ? 4.784   15.538  7.070   1.00 23.64 ? 8    DT  B P     1 
ATOM   140 O  OP1   . DT  B 1 2 ? 4.197   16.836  7.440   1.00 23.64 ? 8    DT  B OP1   1 
ATOM   141 O  OP2   . DT  B 1 2 ? 4.388   14.310  7.794   1.00 23.64 ? 8    DT  B OP2   1 
ATOM   142 O  "O5'" . DT  B 1 2 ? 4.515   15.311  5.520   1.00 23.64 ? 8    DT  B "O5'" 1 
ATOM   143 C  "C5'" . DT  B 1 2 ? 4.761   16.357  4.596   1.00 11.66 ? 8    DT  B "C5'" 1 
ATOM   144 C  "C4'" . DT  B 1 2 ? 4.389   15.935  3.196   1.00 11.66 ? 8    DT  B "C4'" 1 
ATOM   145 O  "O4'" . DT  B 1 2 ? 5.426   15.135  2.594   1.00 11.66 ? 8    DT  B "O4'" 1 
ATOM   146 C  "C3'" . DT  B 1 2 ? 3.095   15.142  3.067   1.00 11.66 ? 8    DT  B "C3'" 1 
ATOM   147 O  "O3'" . DT  B 1 2 ? 2.278   15.758  2.086   1.00 11.66 ? 8    DT  B "O3'" 1 
ATOM   148 C  "C2'" . DT  B 1 2 ? 3.544   13.773  2.578   1.00 11.66 ? 8    DT  B "C2'" 1 
ATOM   149 C  "C1'" . DT  B 1 2 ? 4.838   14.084  1.848   1.00 11.66 ? 8    DT  B "C1'" 1 
ATOM   150 N  N1    . DT  B 1 2 ? 5.822   12.960  1.766   1.00 19.76 ? 8    DT  B N1    1 
ATOM   151 C  C2    . DT  B 1 2 ? 6.426   12.687  0.550   1.00 19.76 ? 8    DT  B C2    1 
ATOM   152 O  O2    . DT  B 1 2 ? 6.190   13.300  -0.469  1.00 19.76 ? 8    DT  B O2    1 
ATOM   153 N  N3    . DT  B 1 2 ? 7.328   11.655  0.576   1.00 19.76 ? 8    DT  B N3    1 
ATOM   154 C  C4    . DT  B 1 2 ? 7.680   10.877  1.660   1.00 19.76 ? 8    DT  B C4    1 
ATOM   155 O  O4    . DT  B 1 2 ? 8.518   9.982   1.529   1.00 19.76 ? 8    DT  B O4    1 
ATOM   156 C  C5    . DT  B 1 2 ? 7.000   11.207  2.900   1.00 19.76 ? 8    DT  B C5    1 
ATOM   157 C  C7    . DT  B 1 2 ? 7.309   10.416  4.136   1.00 19.76 ? 8    DT  B C7    1 
ATOM   158 C  C6    . DT  B 1 2 ? 6.121   12.216  2.887   1.00 19.76 ? 8    DT  B C6    1 
ATOM   159 P  P     . DA  B 1 3 ? 0.736   15.348  1.962   1.00 14.46 ? 9    DA  B P     1 
ATOM   160 O  OP1   . DA  B 1 3 ? 0.005   16.629  2.005   1.00 14.46 ? 9    DA  B OP1   1 
ATOM   161 O  OP2   . DA  B 1 3 ? 0.387   14.246  2.902   1.00 14.46 ? 9    DA  B OP2   1 
ATOM   162 O  "O5'" . DA  B 1 3 ? 0.643   14.805  0.479   1.00 14.46 ? 9    DA  B "O5'" 1 
ATOM   163 C  "C5'" . DA  B 1 3 ? 1.265   15.541  -0.569  1.00 14.23 ? 9    DA  B "C5'" 1 
ATOM   164 C  "C4'" . DA  B 1 3 ? 1.514   14.654  -1.763  1.00 14.23 ? 9    DA  B "C4'" 1 
ATOM   165 O  "O4'" . DA  B 1 3 ? 2.658   13.776  -1.561  1.00 14.23 ? 9    DA  B "O4'" 1 
ATOM   166 C  "C3'" . DA  B 1 3 ? 0.338   13.756  -2.166  1.00 14.23 ? 9    DA  B "C3'" 1 
ATOM   167 O  "O3'" . DA  B 1 3 ? 0.111   13.936  -3.571  1.00 14.23 ? 9    DA  B "O3'" 1 
ATOM   168 C  "C2'" . DA  B 1 3 ? 0.848   12.359  -1.846  1.00 14.23 ? 9    DA  B "C2'" 1 
ATOM   169 C  "C1'" . DA  B 1 3 ? 2.322   12.534  -2.143  1.00 14.23 ? 9    DA  B "C1'" 1 
ATOM   170 N  N9    . DA  B 1 3 ? 3.239   11.505  -1.658  1.00 19.95 ? 9    DA  B N9    1 
ATOM   171 C  C8    . DA  B 1 3 ? 4.230   10.900  -2.403  1.00 19.95 ? 9    DA  B C8    1 
ATOM   172 N  N7    . DA  B 1 3 ? 4.899   9.982   -1.749  1.00 19.95 ? 9    DA  B N7    1 
ATOM   173 C  C5    . DA  B 1 3 ? 4.323   9.986   -0.489  1.00 19.95 ? 9    DA  B C5    1 
ATOM   174 C  C6    . DA  B 1 3 ? 4.595   9.249   0.668   1.00 19.95 ? 9    DA  B C6    1 
ATOM   175 N  N6    . DA  B 1 3 ? 5.563   8.336   0.748   1.00 19.95 ? 9    DA  B N6    1 
ATOM   176 N  N1    . DA  B 1 3 ? 3.837   9.487   1.758   1.00 19.95 ? 9    DA  B N1    1 
ATOM   177 C  C2    . DA  B 1 3 ? 2.876   10.410  1.681   1.00 19.95 ? 9    DA  B C2    1 
ATOM   178 N  N3    . DA  B 1 3 ? 2.526   11.179  0.653   1.00 19.95 ? 9    DA  B N3    1 
ATOM   179 C  C4    . DA  B 1 3 ? 3.299   10.918  -0.416  1.00 19.95 ? 9    DA  B C4    1 
HETATM 180 N  N1    . BRU B 1 4 ? 2.477   8.335   -4.443  1.00 24.05 ? 10   BRU B N1    1 
HETATM 181 C  C2    . BRU B 1 4 ? 3.579   7.480   -4.313  1.00 24.05 ? 10   BRU B C2    1 
HETATM 182 N  N3    . BRU B 1 4 ? 3.748   6.924   -3.063  1.00 24.05 ? 10   BRU B N3    1 
HETATM 183 C  C4    . BRU B 1 4 ? 2.965   7.106   -1.940  1.00 24.05 ? 10   BRU B C4    1 
HETATM 184 C  C5    . BRU B 1 4 ? 1.820   7.986   -2.129  1.00 24.05 ? 10   BRU B C5    1 
HETATM 185 C  C6    . BRU B 1 4 ? 1.624   8.560   -3.353  1.00 24.05 ? 10   BRU B C6    1 
HETATM 186 O  O2    . BRU B 1 4 ? 4.346   7.230   -5.231  1.00 24.05 ? 10   BRU B O2    1 
HETATM 187 O  O4    . BRU B 1 4 ? 3.305   6.548   -0.887  1.00 24.05 ? 10   BRU B O4    1 
HETATM 188 BR BR    . BRU B 1 4 ? 0.808   8.230   -0.960  1.00 31.22 ? 10   BRU B BR    1 
HETATM 189 C  "C1'" . BRU B 1 4 ? 2.282   8.976   -5.762  1.00 15.22 ? 10   BRU B "C1'" 1 
HETATM 190 C  "C2'" . BRU B 1 4 ? 0.871   9.008   -6.327  1.00 15.22 ? 10   BRU B "C2'" 1 
HETATM 191 C  "C3'" . BRU B 1 4 ? 0.870   10.257  -7.199  1.00 15.22 ? 10   BRU B "C3'" 1 
HETATM 192 C  "C4'" . BRU B 1 4 ? 1.872   11.173  -6.507  1.00 15.22 ? 10   BRU B "C4'" 1 
HETATM 193 O  "O3'" . BRU B 1 4 ? 1.344   9.994   -8.522  1.00 15.22 ? 10   BRU B "O3'" 1 
HETATM 194 O  "O4'" . BRU B 1 4 ? 2.670   10.331  -5.642  1.00 15.22 ? 10   BRU B "O4'" 1 
HETATM 195 C  "C5'" . BRU B 1 4 ? 1.272   12.318  -5.732  1.00 15.22 ? 10   BRU B "C5'" 1 
HETATM 196 O  "O5'" . BRU B 1 4 ? 0.152   11.876  -4.975  1.00 26.12 ? 10   BRU B "O5'" 1 
HETATM 197 P  P     . BRU B 1 4 ? -0.857  12.947  -4.377  1.00 26.12 ? 10   BRU B P     1 
HETATM 198 O  OP1   . BRU B 1 4 ? -1.363  13.721  -5.539  1.00 26.12 ? 10   BRU B OP1   1 
HETATM 199 O  OP2   . BRU B 1 4 ? -1.806  12.281  -3.464  1.00 26.12 ? 10   BRU B OP2   1 
ATOM   200 P  P     . DA  B 1 5 ? 0.326   9.508   -9.654  1.00 31.01 ? 11   DA  B P     1 
ATOM   201 O  OP1   . DA  B 1 5 ? 0.663   10.260  -10.883 1.00 31.01 ? 11   DA  B OP1   1 
ATOM   202 O  OP2   . DA  B 1 5 ? -1.060  9.527   -9.132  1.00 31.01 ? 11   DA  B OP2   1 
ATOM   203 O  "O5'" . DA  B 1 5 ? 0.754   8.005   -9.878  1.00 31.01 ? 11   DA  B "O5'" 1 
ATOM   204 C  "C5'" . DA  B 1 5 ? 1.352   7.298   -8.820  1.00 22.49 ? 11   DA  B "C5'" 1 
ATOM   205 C  "C4'" . DA  B 1 5 ? 2.166   6.149   -9.348  1.00 22.49 ? 11   DA  B "C4'" 1 
ATOM   206 O  "O4'" . DA  B 1 5 ? 2.888   5.650   -8.207  1.00 22.49 ? 11   DA  B "O4'" 1 
ATOM   207 C  "C3'" . DA  B 1 5 ? 1.320   4.993   -9.863  1.00 22.49 ? 11   DA  B "C3'" 1 
ATOM   208 O  "O3'" . DA  B 1 5 ? 1.965   4.324   -10.955 1.00 22.49 ? 11   DA  B "O3'" 1 
ATOM   209 C  "C2'" . DA  B 1 5 ? 1.154   4.103   -8.639  1.00 22.49 ? 11   DA  B "C2'" 1 
ATOM   210 C  "C1'" . DA  B 1 5 ? 2.401   4.389   -7.810  1.00 22.49 ? 11   DA  B "C1'" 1 
ATOM   211 N  N9    . DA  B 1 5 ? 2.204   4.432   -6.357  1.00 22.52 ? 11   DA  B N9    1 
ATOM   212 C  C8    . DA  B 1 5 ? 3.043   3.909   -5.408  1.00 22.52 ? 11   DA  B C8    1 
ATOM   213 N  N7    . DA  B 1 5 ? 2.601   4.036   -4.181  1.00 22.52 ? 11   DA  B N7    1 
ATOM   214 C  C5    . DA  B 1 5 ? 1.392   4.702   -4.329  1.00 22.52 ? 11   DA  B C5    1 
ATOM   215 C  C6    . DA  B 1 5 ? 0.425   5.128   -3.396  1.00 22.52 ? 11   DA  B C6    1 
ATOM   216 N  N6    . DA  B 1 5 ? 0.517   4.910   -2.080  1.00 22.52 ? 11   DA  B N6    1 
ATOM   217 N  N1    . DA  B 1 5 ? -0.657  5.785   -3.871  1.00 22.52 ? 11   DA  B N1    1 
ATOM   218 C  C2    . DA  B 1 5 ? -0.756  5.977   -5.197  1.00 22.52 ? 11   DA  B C2    1 
ATOM   219 N  N3    . DA  B 1 5 ? 0.074   5.609   -6.167  1.00 22.52 ? 11   DA  B N3    1 
ATOM   220 C  C4    . DA  B 1 5 ? 1.142   4.970   -5.661  1.00 22.52 ? 11   DA  B C4    1 
ATOM   221 P  P     . DT  B 1 6 ? 1.148   3.239   -11.822 1.00 23.68 ? 12   DT  B P     1 
ATOM   222 O  OP1   . DT  B 1 6 ? 1.734   3.186   -13.186 1.00 23.68 ? 12   DT  B OP1   1 
ATOM   223 O  OP2   . DT  B 1 6 ? -0.302  3.514   -11.650 1.00 23.68 ? 12   DT  B OP2   1 
ATOM   224 O  "O5'" . DT  B 1 6 ? 1.476   1.863   -11.111 1.00 23.68 ? 12   DT  B "O5'" 1 
ATOM   225 C  "C5'" . DT  B 1 6 ? 2.717   1.218   -11.333 1.00 29.68 ? 12   DT  B "C5'" 1 
ATOM   226 C  "C4'" . DT  B 1 6 ? 2.936   0.150   -10.298 1.00 29.68 ? 12   DT  B "C4'" 1 
ATOM   227 O  "O4'" . DT  B 1 6 ? 2.928   0.753   -8.988  1.00 29.68 ? 12   DT  B "O4'" 1 
ATOM   228 C  "C3'" . DT  B 1 6 ? 1.856   -0.905  -10.193 1.00 29.68 ? 12   DT  B "C3'" 1 
ATOM   229 O  "O3'" . DT  B 1 6 ? 2.091   -1.895  -11.178 1.00 29.68 ? 12   DT  B "O3'" 1 
ATOM   230 C  "C2'" . DT  B 1 6 ? 2.085   -1.463  -8.790  1.00 29.68 ? 12   DT  B "C2'" 1 
ATOM   231 C  "C1'" . DT  B 1 6 ? 2.600   -0.234  -8.034  1.00 29.68 ? 12   DT  B "C1'" 1 
ATOM   232 N  N1    . DT  B 1 6 ? 1.705   0.355   -7.016  1.00 21.23 ? 12   DT  B N1    1 
ATOM   233 C  C2    . DT  B 1 6 ? 2.105   0.241   -5.703  1.00 21.23 ? 12   DT  B C2    1 
ATOM   234 O  O2    . DT  B 1 6 ? 3.097   -0.378  -5.358  1.00 21.23 ? 12   DT  B O2    1 
ATOM   235 N  N3    . DT  B 1 6 ? 1.294   0.869   -4.799  1.00 21.23 ? 12   DT  B N3    1 
ATOM   236 C  C4    . DT  B 1 6 ? 0.133   1.560   -5.056  1.00 21.23 ? 12   DT  B C4    1 
ATOM   237 O  O4    . DT  B 1 6 ? -0.480  2.093   -4.128  1.00 21.23 ? 12   DT  B O4    1 
ATOM   238 C  C5    . DT  B 1 6 ? -0.264  1.598   -6.452  1.00 21.23 ? 12   DT  B C5    1 
ATOM   239 C  C7    . DT  B 1 6 ? -1.542  2.282   -6.822  1.00 21.23 ? 12   DT  B C7    1 
ATOM   240 C  C6    . DT  B 1 6 ? 0.538   1.006   -7.352  1.00 21.23 ? 12   DT  B C6    1 
ATOM   241 O  "O5'" . DA  C 1 1 ? -13.977 -3.390  -5.431  1.00 23.55 ? 13   DA  C "O5'" 1 
ATOM   242 C  "C5'" . DA  C 1 1 ? -15.217 -3.654  -4.776  1.00 17.38 ? 13   DA  C "C5'" 1 
ATOM   243 C  "C4'" . DA  C 1 1 ? -14.995 -3.869  -3.295  1.00 17.38 ? 13   DA  C "C4'" 1 
ATOM   244 O  "O4'" . DA  C 1 1 ? -14.115 -5.010  -3.080  1.00 17.38 ? 13   DA  C "O4'" 1 
ATOM   245 C  "C3'" . DA  C 1 1 ? -14.346 -2.701  -2.549  1.00 17.38 ? 13   DA  C "C3'" 1 
ATOM   246 O  "O3'" . DA  C 1 1 ? -14.879 -2.674  -1.222  1.00 17.38 ? 13   DA  C "O3'" 1 
ATOM   247 C  "C2'" . DA  C 1 1 ? -12.883 -3.102  -2.501  1.00 17.38 ? 13   DA  C "C2'" 1 
ATOM   248 C  "C1'" . DA  C 1 1 ? -13.000 -4.603  -2.301  1.00 17.38 ? 13   DA  C "C1'" 1 
ATOM   249 N  N9    . DA  C 1 1 ? -11.839 -5.379  -2.730  1.00 25.98 ? 13   DA  C N9    1 
ATOM   250 C  C8    . DA  C 1 1 ? -11.078 -6.239  -1.971  1.00 25.98 ? 13   DA  C C8    1 
ATOM   251 N  N7    . DA  C 1 1 ? -10.098 -6.799  -2.633  1.00 25.98 ? 13   DA  C N7    1 
ATOM   252 C  C5    . DA  C 1 1 ? -10.217 -6.274  -3.913  1.00 25.98 ? 13   DA  C C5    1 
ATOM   253 C  C6    . DA  C 1 1 ? -9.471  -6.463  -5.087  1.00 25.98 ? 13   DA  C C6    1 
ATOM   254 N  N6    . DA  C 1 1 ? -8.421  -7.287  -5.183  1.00 25.98 ? 13   DA  C N6    1 
ATOM   255 N  N1    . DA  C 1 1 ? -9.844  -5.771  -6.178  1.00 25.98 ? 13   DA  C N1    1 
ATOM   256 C  C2    . DA  C 1 1 ? -10.896 -4.950  -6.091  1.00 25.98 ? 13   DA  C C2    1 
ATOM   257 N  N3    . DA  C 1 1 ? -11.679 -4.690  -5.051  1.00 25.98 ? 13   DA  C N3    1 
ATOM   258 C  C4    . DA  C 1 1 ? -11.282 -5.393  -3.982  1.00 25.98 ? 13   DA  C C4    1 
ATOM   259 P  P     . DT  C 1 2 ? -14.626 -1.404  -0.261  1.00 25.65 ? 14   DT  C P     1 
ATOM   260 O  OP1   . DT  C 1 2 ? -15.944 -0.951  0.237   1.00 25.65 ? 14   DT  C OP1   1 
ATOM   261 O  OP2   . DT  C 1 2 ? -13.699 -0.427  -0.893  1.00 25.65 ? 14   DT  C OP2   1 
ATOM   262 O  "O5'" . DT  C 1 2 ? -13.917 -2.064  0.989   1.00 25.65 ? 14   DT  C "O5'" 1 
ATOM   263 C  "C5'" . DT  C 1 2 ? -13.090 -3.187  0.802   1.00 26.22 ? 14   DT  C "C5'" 1 
ATOM   264 C  "C4'" . DT  C 1 2 ? -12.303 -3.481  2.055   1.00 26.22 ? 14   DT  C "C4'" 1 
ATOM   265 O  "O4'" . DT  C 1 2 ? -11.251 -4.370  1.633   1.00 26.22 ? 14   DT  C "O4'" 1 
ATOM   266 C  "C3'" . DT  C 1 2 ? -11.599 -2.280  2.687   1.00 26.22 ? 14   DT  C "C3'" 1 
ATOM   267 O  "O3'" . DT  C 1 2 ? -11.473 -2.521  4.102   1.00 26.22 ? 14   DT  C "O3'" 1 
ATOM   268 C  "C2'" . DT  C 1 2 ? -10.269 -2.242  1.957   1.00 26.22 ? 14   DT  C "C2'" 1 
ATOM   269 C  "C1'" . DT  C 1 2 ? -10.001 -3.712  1.658   1.00 26.22 ? 14   DT  C "C1'" 1 
ATOM   270 N  N1    . DT  C 1 2 ? -9.299  -4.022  0.391   1.00 11.03 ? 14   DT  C N1    1 
ATOM   271 C  C2    . DT  C 1 2 ? -8.333  -4.993  0.447   1.00 11.03 ? 14   DT  C C2    1 
ATOM   272 O  O2    . DT  C 1 2 ? -8.067  -5.594  1.465   1.00 11.03 ? 14   DT  C O2    1 
ATOM   273 N  N3    . DT  C 1 2 ? -7.677  -5.236  -0.739  1.00 11.03 ? 14   DT  C N3    1 
ATOM   274 C  C4    . DT  C 1 2 ? -7.889  -4.614  -1.953  1.00 11.03 ? 14   DT  C C4    1 
ATOM   275 O  O4    . DT  C 1 2 ? -7.222  -4.941  -2.931  1.00 11.03 ? 14   DT  C O4    1 
ATOM   276 C  C5    . DT  C 1 2 ? -8.921  -3.599  -1.950  1.00 11.03 ? 14   DT  C C5    1 
ATOM   277 C  C7    . DT  C 1 2 ? -9.208  -2.854  -3.219  1.00 11.03 ? 14   DT  C C7    1 
ATOM   278 C  C6    . DT  C 1 2 ? -9.577  -3.364  -0.792  1.00 11.03 ? 14   DT  C C6    1 
ATOM   279 P  P     . DA  C 1 3 ? -10.988 -1.347  5.102   1.00 27.06 ? 15   DA  C P     1 
ATOM   280 O  OP1   . DA  C 1 3 ? -11.893 -1.353  6.275   1.00 27.06 ? 15   DA  C OP1   1 
ATOM   281 O  OP2   . DA  C 1 3 ? -10.754 -0.095  4.352   1.00 27.06 ? 15   DA  C OP2   1 
ATOM   282 O  "O5'" . DA  C 1 3 ? -9.582  -1.875  5.580   1.00 27.06 ? 15   DA  C "O5'" 1 
ATOM   283 C  "C5'" . DA  C 1 3 ? -8.748  -2.464  4.622   1.00 21.26 ? 15   DA  C "C5'" 1 
ATOM   284 C  "C4'" . DA  C 1 3 ? -7.604  -3.183  5.271   1.00 21.26 ? 15   DA  C "C4'" 1 
ATOM   285 O  "O4'" . DA  C 1 3 ? -6.965  -3.870  4.175   1.00 21.26 ? 15   DA  C "O4'" 1 
ATOM   286 C  "C3'" . DA  C 1 3 ? -6.552  -2.254  5.877   1.00 21.26 ? 15   DA  C "C3'" 1 
ATOM   287 O  "O3'" . DA  C 1 3 ? -5.967  -2.893  7.031   1.00 21.26 ? 15   DA  C "O3'" 1 
ATOM   288 C  "C2'" . DA  C 1 3 ? -5.590  -2.025  4.721   1.00 21.26 ? 15   DA  C "C2'" 1 
ATOM   289 C  "C1'" . DA  C 1 3 ? -5.689  -3.321  3.922   1.00 21.26 ? 15   DA  C "C1'" 1 
ATOM   290 N  N9    . DA  C 1 3 ? -5.542  -3.211  2.469   1.00 18.52 ? 15   DA  C N9    1 
ATOM   291 C  C8    . DA  C 1 3 ? -4.775  -4.023  1.683   1.00 18.52 ? 15   DA  C C8    1 
ATOM   292 N  N7    . DA  C 1 3 ? -4.803  -3.710  0.414   1.00 18.52 ? 15   DA  C N7    1 
ATOM   293 C  C5    . DA  C 1 3 ? -5.644  -2.612  0.358   1.00 18.52 ? 15   DA  C C5    1 
ATOM   294 C  C6    . DA  C 1 3 ? -6.073  -1.803  -0.715  1.00 18.52 ? 15   DA  C C6    1 
ATOM   295 N  N6    . DA  C 1 3 ? -5.690  -1.993  -1.976  1.00 18.52 ? 15   DA  C N6    1 
ATOM   296 N  N1    . DA  C 1 3 ? -6.912  -0.783  -0.435  1.00 18.52 ? 15   DA  C N1    1 
ATOM   297 C  C2    . DA  C 1 3 ? -7.290  -0.598  0.837   1.00 18.52 ? 15   DA  C C2    1 
ATOM   298 N  N3    . DA  C 1 3 ? -6.957  -1.293  1.925   1.00 18.52 ? 15   DA  C N3    1 
ATOM   299 C  C4    . DA  C 1 3 ? -6.117  -2.297  1.614   1.00 18.52 ? 15   DA  C C4    1 
HETATM 300 N  N1    . BRU C 1 4 ? -1.638  -2.330  2.860   1.00 13.65 ? 16   BRU C N1    1 
HETATM 301 C  C2    . BRU C 1 4 ? -1.361  -2.775  1.573   1.00 13.65 ? 16   BRU C C2    1 
HETATM 302 N  N3    . BRU C 1 4 ? -1.917  -2.021  0.563   1.00 13.65 ? 16   BRU C N3    1 
HETATM 303 C  C4    . BRU C 1 4 ? -2.721  -0.897  0.695   1.00 13.65 ? 16   BRU C C4    1 
HETATM 304 C  C5    . BRU C 1 4 ? -3.007  -0.505  2.065   1.00 13.65 ? 16   BRU C C5    1 
HETATM 305 C  C6    . BRU C 1 4 ? -2.466  -1.227  3.079   1.00 13.65 ? 16   BRU C C6    1 
HETATM 306 O  O2    . BRU C 1 4 ? -0.680  -3.773  1.347   1.00 13.65 ? 16   BRU C O2    1 
HETATM 307 O  O4    . BRU C 1 4 ? -3.023  -0.262  -0.322  1.00 13.65 ? 16   BRU C O4    1 
HETATM 308 BR BR    . BRU C 1 4 ? -3.975  0.681   2.365   1.00 37.38 ? 16   BRU C BR    1 
HETATM 309 C  "C1'" . BRU C 1 4 ? -1.000  -3.068  3.960   1.00 26.05 ? 16   BRU C "C1'" 1 
HETATM 310 C  "C2'" . BRU C 1 4 ? -0.577  -2.229  5.150   1.00 26.05 ? 16   BRU C "C2'" 1 
HETATM 311 C  "C3'" . BRU C 1 4 ? -0.699  -3.194  6.313   1.00 26.05 ? 16   BRU C "C3'" 1 
HETATM 312 C  "C4'" . BRU C 1 4 ? -1.777  -4.183  5.862   1.00 26.05 ? 16   BRU C "C4'" 1 
HETATM 313 O  "O3'" . BRU C 1 4 ? 0.533   -3.872  6.526   1.00 26.05 ? 16   BRU C "O3'" 1 
HETATM 314 O  "O4'" . BRU C 1 4 ? -1.937  -4.003  4.444   1.00 26.05 ? 16   BRU C "O4'" 1 
HETATM 315 C  "C5'" . BRU C 1 4 ? -3.115  -4.057  6.546   1.00 26.05 ? 16   BRU C "C5'" 1 
HETATM 316 O  "O5'" . BRU C 1 4 ? -3.490  -2.686  6.687   1.00 21.64 ? 16   BRU C "O5'" 1 
HETATM 317 P  P     . BRU C 1 4 ? -4.638  -2.292  7.711   1.00 21.64 ? 16   BRU C P     1 
HETATM 318 O  OP1   . BRU C 1 4 ? -4.392  -3.105  8.922   1.00 21.64 ? 16   BRU C OP1   1 
HETATM 319 O  OP2   . BRU C 1 4 ? -4.746  -0.818  7.832   1.00 21.64 ? 16   BRU C OP2   1 
ATOM   320 P  P     . DA  C 1 5 ? 0.867   -4.444  7.983   1.00 29.82 ? 17   DA  C P     1 
ATOM   321 O  OP1   . DA  C 1 5 ? 0.678   -3.365  8.979   1.00 29.82 ? 17   DA  C OP1   1 
ATOM   322 O  OP2   . DA  C 1 5 ? 2.167   -5.142  7.906   1.00 29.82 ? 17   DA  C OP2   1 
ATOM   323 O  "O5'" . DA  C 1 5 ? -0.288  -5.506  8.228   1.00 29.82 ? 17   DA  C "O5'" 1 
ATOM   324 C  "C5'" . DA  C 1 5 ? -0.109  -6.880  7.912   1.00 44.86 ? 17   DA  C "C5'" 1 
ATOM   325 C  "C4'" . DA  C 1 5 ? -1.086  -7.719  8.702   1.00 44.86 ? 17   DA  C "C4'" 1 
ATOM   326 O  "O4'" . DA  C 1 5 ? -2.441  -7.257  8.470   1.00 44.86 ? 17   DA  C "O4'" 1 
ATOM   327 C  "C3'" . DA  C 1 5 ? -1.087  -9.208  8.342   1.00 44.86 ? 17   DA  C "C3'" 1 
ATOM   328 O  "O3'" . DA  C 1 5 ? -1.415  -9.967  9.513   1.00 44.86 ? 17   DA  C "O3'" 1 
ATOM   329 C  "C2'" . DA  C 1 5 ? -2.267  -9.314  7.399   1.00 44.86 ? 17   DA  C "C2'" 1 
ATOM   330 C  "C1'" . DA  C 1 5 ? -3.218  -8.381  8.112   1.00 44.86 ? 17   DA  C "C1'" 1 
ATOM   331 N  N9    . DA  C 1 5 ? -4.406  -7.946  7.379   1.00 17.12 ? 17   DA  C N9    1 
ATOM   332 C  C8    . DA  C 1 5 ? -5.692  -7.967  7.879   1.00 17.12 ? 17   DA  C C8    1 
ATOM   333 N  N7    . DA  C 1 5 ? -6.597  -7.602  7.018   1.00 17.12 ? 17   DA  C N7    1 
ATOM   334 C  C5    . DA  C 1 5 ? -5.863  -7.300  5.879   1.00 17.12 ? 17   DA  C C5    1 
ATOM   335 C  C6    . DA  C 1 5 ? -6.252  -6.852  4.617   1.00 17.12 ? 17   DA  C C6    1 
ATOM   336 N  N6    . DA  C 1 5 ? -7.527  -6.650  4.283   1.00 17.12 ? 17   DA  C N6    1 
ATOM   337 N  N1    . DA  C 1 5 ? -5.283  -6.628  3.700   1.00 17.12 ? 17   DA  C N1    1 
ATOM   338 C  C2    . DA  C 1 5 ? -4.007  -6.861  4.051   1.00 17.12 ? 17   DA  C C2    1 
ATOM   339 N  N3    . DA  C 1 5 ? -3.518  -7.297  5.215   1.00 17.12 ? 17   DA  C N3    1 
ATOM   340 C  C4    . DA  C 1 5 ? -4.512  -7.496  6.094   1.00 17.12 ? 17   DA  C C4    1 
ATOM   341 P  P     . DT  C 1 6 ? -0.263  -10.707 10.343  1.00 42.93 ? 18   DT  C P     1 
ATOM   342 O  OP1   . DT  C 1 6 ? -0.888  -11.076 11.637  1.00 42.93 ? 18   DT  C OP1   1 
ATOM   343 O  OP2   . DT  C 1 6 ? 0.937   -9.835  10.331  1.00 42.93 ? 18   DT  C OP2   1 
ATOM   344 O  "O5'" . DT  C 1 6 ? 0.032   -12.047 9.521   1.00 42.93 ? 18   DT  C "O5'" 1 
ATOM   345 C  "C5'" . DT  C 1 6 ? 0.836   -12.044 8.333   1.00 40.66 ? 18   DT  C "C5'" 1 
ATOM   346 C  "C4'" . DT  C 1 6 ? 1.445   -13.414 8.096   1.00 40.66 ? 18   DT  C "C4'" 1 
ATOM   347 O  "O4'" . DT  C 1 6 ? 2.360   -13.729 9.171   1.00 40.66 ? 18   DT  C "O4'" 1 
ATOM   348 C  "C3'" . DT  C 1 6 ? 0.467   -14.590 8.029   1.00 40.66 ? 18   DT  C "C3'" 1 
ATOM   349 O  "O3'" . DT  C 1 6 ? 0.953   -15.584 7.115   1.00 40.66 ? 18   DT  C "O3'" 1 
ATOM   350 C  "C2'" . DT  C 1 6 ? 0.491   -15.138 9.441   1.00 40.66 ? 18   DT  C "C2'" 1 
ATOM   351 C  "C1'" . DT  C 1 6 ? 1.941   -14.910 9.838   1.00 40.66 ? 18   DT  C "C1'" 1 
ATOM   352 N  N1    . DT  C 1 6 ? 2.171   -14.720 11.284  1.00 20.93 ? 18   DT  C N1    1 
ATOM   353 C  C2    . DT  C 1 6 ? 2.779   -15.744 11.977  1.00 20.93 ? 18   DT  C C2    1 
ATOM   354 O  O2    . DT  C 1 6 ? 3.140   -16.794 11.456  1.00 20.93 ? 18   DT  C O2    1 
ATOM   355 N  N3    . DT  C 1 6 ? 2.959   -15.491 13.313  1.00 20.93 ? 18   DT  C N3    1 
ATOM   356 C  C4    . DT  C 1 6 ? 2.624   -14.351 14.004  1.00 20.93 ? 18   DT  C C4    1 
ATOM   357 O  O4    . DT  C 1 6 ? 2.872   -14.271 15.199  1.00 20.93 ? 18   DT  C O4    1 
ATOM   358 C  C5    . DT  C 1 6 ? 1.999   -13.316 13.219  1.00 20.93 ? 18   DT  C C5    1 
ATOM   359 C  C7    . DT  C 1 6 ? 1.613   -12.028 13.884  1.00 20.93 ? 18   DT  C C7    1 
ATOM   360 C  C6    . DT  C 1 6 ? 1.797   -13.551 11.916  1.00 20.93 ? 18   DT  C C6    1 
ATOM   361 O  "O5'" . DA  D 1 1 ? 2.410   -3.577  -6.780  1.00 39.62 ? 19   DA  D "O5'" 1 
ATOM   362 C  "C5'" . DA  D 1 1 ? 3.753   -3.674  -6.301  1.00 23.63 ? 19   DA  D "C5'" 1 
ATOM   363 C  "C4'" . DA  D 1 1 ? 3.785   -4.412  -4.982  1.00 23.63 ? 19   DA  D "C4'" 1 
ATOM   364 O  "O4'" . DA  D 1 1 ? 2.992   -3.680  -4.015  1.00 23.63 ? 19   DA  D "O4'" 1 
ATOM   365 C  "C3'" . DA  D 1 1 ? 3.201   -5.824  -5.017  1.00 23.63 ? 19   DA  D "C3'" 1 
ATOM   366 O  "O3'" . DA  D 1 1 ? 3.983   -6.691  -4.179  1.00 23.63 ? 19   DA  D "O3'" 1 
ATOM   367 C  "C2'" . DA  D 1 1 ? 1.801   -5.633  -4.464  1.00 23.63 ? 19   DA  D "C2'" 1 
ATOM   368 C  "C1'" . DA  D 1 1 ? 2.013   -4.528  -3.447  1.00 23.63 ? 19   DA  D "C1'" 1 
ATOM   369 N  N9    . DA  D 1 1 ? 0.828   -3.717  -3.149  1.00 18.70 ? 19   DA  D N9    1 
ATOM   370 C  C8    . DA  D 1 1 ? 0.177   -3.617  -1.949  1.00 18.70 ? 19   DA  D C8    1 
ATOM   371 N  N7    . DA  D 1 1 ? -0.849  -2.800  -1.968  1.00 18.70 ? 19   DA  D N7    1 
ATOM   372 C  C5    . DA  D 1 1 ? -0.878  -2.331  -3.269  1.00 18.70 ? 19   DA  D C5    1 
ATOM   373 C  C6    . DA  D 1 1 ? -1.731  -1.429  -3.934  1.00 18.70 ? 19   DA  D C6    1 
ATOM   374 N  N6    . DA  D 1 1 ? -2.755  -0.802  -3.353  1.00 18.70 ? 19   DA  D N6    1 
ATOM   375 N  N1    . DA  D 1 1 ? -1.490  -1.189  -5.236  1.00 18.70 ? 19   DA  D N1    1 
ATOM   376 C  C2    . DA  D 1 1 ? -0.456  -1.808  -5.825  1.00 18.70 ? 19   DA  D C2    1 
ATOM   377 N  N3    . DA  D 1 1 ? 0.421   -2.664  -5.307  1.00 18.70 ? 19   DA  D N3    1 
ATOM   378 C  C4    . DA  D 1 1 ? 0.148   -2.891  -4.012  1.00 18.70 ? 19   DA  D C4    1 
ATOM   379 P  P     . DT  D 1 2 ? 3.568   -8.237  -4.005  1.00 39.24 ? 20   DT  D P     1 
ATOM   380 O  OP1   . DT  D 1 2 ? 4.785   -8.945  -3.552  1.00 39.24 ? 20   DT  D OP1   1 
ATOM   381 O  OP2   . DT  D 1 2 ? 2.819   -8.731  -5.183  1.00 39.24 ? 20   DT  D OP2   1 
ATOM   382 O  "O5'" . DT  D 1 2 ? 2.559   -8.208  -2.786  1.00 39.24 ? 20   DT  D "O5'" 1 
ATOM   383 C  "C5'" . DT  D 1 2 ? 3.028   -7.862  -1.500  1.00 26.96 ? 20   DT  D "C5'" 1 
ATOM   384 C  "C4'" . DT  D 1 2 ? 1.960   -8.128  -0.474  1.00 26.96 ? 20   DT  D "C4'" 1 
ATOM   385 O  "O4'" . DT  D 1 2 ? 0.954   -7.094  -0.540  1.00 26.96 ? 20   DT  D "O4'" 1 
ATOM   386 C  "C3'" . DT  D 1 2 ? 1.231   -9.467  -0.599  1.00 26.96 ? 20   DT  D "C3'" 1 
ATOM   387 O  "O3'" . DT  D 1 2 ? 1.165   -10.028 0.716   1.00 26.96 ? 20   DT  D "O3'" 1 
ATOM   388 C  "C2'" . DT  D 1 2 ? -0.145  -9.070  -1.119  1.00 26.96 ? 20   DT  D "C2'" 1 
ATOM   389 C  "C1'" . DT  D 1 2 ? -0.330  -7.679  -0.517  1.00 26.96 ? 20   DT  D "C1'" 1 
ATOM   390 N  N1    . DT  D 1 2 ? -1.266  -6.735  -1.190  1.00 11.97 ? 20   DT  D N1    1 
ATOM   391 C  C2    . DT  D 1 2 ? -2.181  -6.049  -0.412  1.00 11.97 ? 20   DT  D C2    1 
ATOM   392 O  O2    . DT  D 1 2 ? -2.299  -6.202  0.797   1.00 11.97 ? 20   DT  D O2    1 
ATOM   393 N  N3    . DT  D 1 2 ? -2.967  -5.168  -1.102  1.00 11.97 ? 20   DT  D N3    1 
ATOM   394 C  C4    . DT  D 1 2 ? -2.959  -4.907  -2.452  1.00 11.97 ? 20   DT  D C4    1 
ATOM   395 O  O4    . DT  D 1 2 ? -3.740  -4.069  -2.918  1.00 11.97 ? 20   DT  D O4    1 
ATOM   396 C  C5    . DT  D 1 2 ? -2.001  -5.678  -3.218  1.00 11.97 ? 20   DT  D C5    1 
ATOM   397 C  C7    . DT  D 1 2 ? -1.941  -5.501  -4.705  1.00 11.97 ? 20   DT  D C7    1 
ATOM   398 C  C6    . DT  D 1 2 ? -1.210  -6.537  -2.556  1.00 11.97 ? 20   DT  D C6    1 
ATOM   399 P  P     . DA  D 1 3 ? 0.758   -11.566 0.930   1.00 26.80 ? 21   DA  D P     1 
ATOM   400 O  OP1   . DA  D 1 3 ? 1.832   -12.228 1.717   1.00 26.80 ? 21   DA  D OP1   1 
ATOM   401 O  OP2   . DA  D 1 3 ? 0.309   -12.156 -0.347  1.00 26.80 ? 21   DA  D OP2   1 
ATOM   402 O  "O5'" . DA  D 1 3 ? -0.501  -11.419 1.873   1.00 26.80 ? 21   DA  D "O5'" 1 
ATOM   403 C  "C5'" . DA  D 1 3 ? -1.429  -10.413 1.577   1.00 25.44 ? 21   DA  D "C5'" 1 
ATOM   404 C  "C4'" . DA  D 1 3 ? -2.433  -10.265 2.685   1.00 25.44 ? 21   DA  D "C4'" 1 
ATOM   405 O  "O4'" . DA  D 1 3 ? -3.230  -9.128  2.298   1.00 25.44 ? 21   DA  D "O4'" 1 
ATOM   406 C  "C3'" . DA  D 1 3 ? -3.402  -11.432 2.842   1.00 25.44 ? 21   DA  D "C3'" 1 
ATOM   407 O  "O3'" . DA  D 1 3 ? -3.816  -11.460 4.221   1.00 25.44 ? 21   DA  D "O3'" 1 
ATOM   408 C  "C2'" . DA  D 1 3 ? -4.507  -11.077 1.855   1.00 25.44 ? 21   DA  D "C2'" 1 
ATOM   409 C  "C1'" . DA  D 1 3 ? -4.514  -9.547  1.877   1.00 25.44 ? 21   DA  D "C1'" 1 
ATOM   410 N  N9    . DA  D 1 3 ? -4.803  -8.846  0.624   1.00 22.10 ? 21   DA  D N9    1 
ATOM   411 C  C8    . DA  D 1 3 ? -5.611  -7.747  0.494   1.00 22.10 ? 21   DA  D C8    1 
ATOM   412 N  N7    . DA  D 1 3 ? -5.695  -7.293  -0.733  1.00 22.10 ? 21   DA  D N7    1 
ATOM   413 C  C5    . DA  D 1 3 ? -4.901  -8.159  -1.464  1.00 22.10 ? 21   DA  D C5    1 
ATOM   414 C  C6    . DA  D 1 3 ? -4.607  -8.232  -2.831  1.00 22.10 ? 21   DA  D C6    1 
ATOM   415 N  N6    . DA  D 1 3 ? -5.123  -7.402  -3.737  1.00 22.10 ? 21   DA  D N6    1 
ATOM   416 N  N1    . DA  D 1 3 ? -3.767  -9.209  -3.247  1.00 22.10 ? 21   DA  D N1    1 
ATOM   417 C  C2    . DA  D 1 3 ? -3.282  -10.061 -2.339  1.00 22.10 ? 21   DA  D C2    1 
ATOM   418 N  N3    . DA  D 1 3 ? -3.506  -10.108 -1.022  1.00 22.10 ? 21   DA  D N3    1 
ATOM   419 C  C4    . DA  D 1 3 ? -4.336  -9.118  -0.643  1.00 22.10 ? 21   DA  D C4    1 
HETATM 420 N  N1    . BRU D 1 4 ? -8.504  -9.818  0.845   1.00 11.47 ? 22   BRU D N1    1 
HETATM 421 C  C2    . BRU D 1 4 ? -8.937  -8.760  0.094   1.00 11.47 ? 22   BRU D C2    1 
HETATM 422 N  N3    . BRU D 1 4 ? -8.588  -8.802  -1.230  1.00 11.47 ? 22   BRU D N3    1 
HETATM 423 C  C4    . BRU D 1 4 ? -7.862  -9.768  -1.870  1.00 11.47 ? 22   BRU D C4    1 
HETATM 424 C  C5    . BRU D 1 4 ? -7.421  -10.861 -1.021  1.00 11.47 ? 22   BRU D C5    1 
HETATM 425 C  C6    . BRU D 1 4 ? -7.763  -10.841 0.281   1.00 11.47 ? 22   BRU D C6    1 
HETATM 426 O  O2    . BRU D 1 4 ? -9.590  -7.847  0.565   1.00 11.47 ? 22   BRU D O2    1 
HETATM 427 O  O4    . BRU D 1 4 ? -7.710  -9.671  -3.080  1.00 11.47 ? 22   BRU D O4    1 
HETATM 428 BR BR    . BRU D 1 4 ? -6.494  -11.981 -1.561  1.00 38.38 ? 22   BRU D BR    1 
HETATM 429 C  "C1'" . BRU D 1 4 ? -8.874  -9.806  2.267   1.00 30.54 ? 22   BRU D "C1'" 1 
HETATM 430 C  "C2'" . BRU D 1 4 ? -9.358  -11.103 2.858   1.00 30.54 ? 22   BRU D "C2'" 1 
HETATM 431 C  "C3'" . BRU D 1 4 ? -9.137  -10.852 4.337   1.00 30.54 ? 22   BRU D "C3'" 1 
HETATM 432 C  "C4'" . BRU D 1 4 ? -7.935  -9.908  4.370   1.00 30.54 ? 22   BRU D "C4'" 1 
HETATM 433 O  "O3'" . BRU D 1 4 ? -10.268 -10.165 4.866   1.00 30.54 ? 22   BRU D "O3'" 1 
HETATM 434 O  "O4'" . BRU D 1 4 ? -7.736  -9.459  3.016   1.00 30.54 ? 22   BRU D "O4'" 1 
HETATM 435 C  "C5'" . BRU D 1 4 ? -6.658  -10.472 4.940   1.00 30.54 ? 22   BRU D "C5'" 1 
HETATM 436 O  "O5'" . BRU D 1 4 ? -6.328  -11.695 4.313   1.00 25.86 ? 22   BRU D "O5'" 1 
HETATM 437 P  P     . BRU D 1 4 ? -4.987  -12.454 4.714   1.00 25.86 ? 22   BRU D P     1 
HETATM 438 O  OP1   . BRU D 1 4 ? -4.944  -12.472 6.197   1.00 25.86 ? 22   BRU D OP1   1 
HETATM 439 O  OP2   . BRU D 1 4 ? -4.917  -13.733 3.955   1.00 25.86 ? 22   BRU D OP2   1 
ATOM   440 P  P     . DA  D 1 5 ? -10.869 -10.620 6.284   1.00 36.37 ? 23   DA  D P     1 
ATOM   441 O  OP1   . DA  D 1 5 ? -11.720 -9.511  6.780   1.00 36.37 ? 23   DA  D OP1   1 
ATOM   442 O  OP2   . DA  D 1 5 ? -9.739  -11.118 7.109   1.00 36.37 ? 23   DA  D OP2   1 
ATOM   443 O  "O5'" . DA  D 1 5 ? -11.786 -11.860 5.911   1.00 36.37 ? 23   DA  D "O5'" 1 
ATOM   444 C  "C5'" . DA  D 1 5 ? -12.972 -11.687 5.142   1.00 33.97 ? 23   DA  D "C5'" 1 
ATOM   445 C  "C4'" . DA  D 1 5 ? -13.569 -13.033 4.820   1.00 33.97 ? 23   DA  D "C4'" 1 
ATOM   446 O  "O4'" . DA  D 1 5 ? -12.830 -13.626 3.727   1.00 33.97 ? 23   DA  D "O4'" 1 
ATOM   447 C  "C3'" . DA  D 1 5 ? -13.460 -13.994 6.002   1.00 33.97 ? 23   DA  D "C3'" 1 
ATOM   448 O  "O3'" . DA  D 1 5 ? -14.675 -14.662 6.294   1.00 33.97 ? 23   DA  D "O3'" 1 
ATOM   449 C  "C2'" . DA  D 1 5 ? -12.349 -14.956 5.632   1.00 33.97 ? 23   DA  D "C2'" 1 
ATOM   450 C  "C1'" . DA  D 1 5 ? -12.199 -14.838 4.121   1.00 33.97 ? 23   DA  D "C1'" 1 
ATOM   451 N  N9    . DA  D 1 5 ? -10.796 -14.753 3.708   1.00 43.09 ? 23   DA  D N9    1 
ATOM   452 C  C8    . DA  D 1 5 ? -9.677  -14.852 4.510   1.00 43.09 ? 23   DA  D C8    1 
ATOM   453 N  N7    . DA  D 1 5 ? -8.548  -14.725 3.861   1.00 43.09 ? 23   DA  D N7    1 
ATOM   454 C  C5    . DA  D 1 5 ? -8.942  -14.531 2.545   1.00 43.09 ? 23   DA  D C5    1 
ATOM   455 C  C6    . DA  D 1 5 ? -8.211  -14.335 1.367   1.00 43.09 ? 23   DA  D C6    1 
ATOM   456 N  N6    . DA  D 1 5 ? -6.873  -14.299 1.328   1.00 43.09 ? 23   DA  D N6    1 
ATOM   457 N  N1    . DA  D 1 5 ? -8.907  -14.180 0.217   1.00 43.09 ? 23   DA  D N1    1 
ATOM   458 C  C2    . DA  D 1 5 ? -10.242 -14.224 0.263   1.00 43.09 ? 23   DA  D C2    1 
ATOM   459 N  N3    . DA  D 1 5 ? -11.042 -14.400 1.309   1.00 43.09 ? 23   DA  D N3    1 
ATOM   460 C  C4    . DA  D 1 5 ? -10.323 -14.549 2.434   1.00 43.09 ? 23   DA  D C4    1 
ATOM   461 P  P     . DT  D 1 6 ? -14.973 -15.092 7.806   1.00 29.91 ? 24   DT  D P     1 
ATOM   462 O  OP1   . DT  D 1 6 ? -14.010 -16.171 8.125   1.00 29.91 ? 24   DT  D OP1   1 
ATOM   463 O  OP2   . DT  D 1 6 ? -16.434 -15.350 7.918   1.00 29.91 ? 24   DT  D OP2   1 
ATOM   464 O  "O5'" . DT  D 1 6 ? -14.581 -13.816 8.678   1.00 29.91 ? 24   DT  D "O5'" 1 
ATOM   465 C  "C5'" . DT  D 1 6 ? -15.416 -12.656 8.717   1.00 27.22 ? 24   DT  D "C5'" 1 
ATOM   466 C  "C4'" . DT  D 1 6 ? -15.026 -11.755 9.869   1.00 27.22 ? 24   DT  D "C4'" 1 
ATOM   467 O  "O4'" . DT  D 1 6 ? -15.277 -12.410 11.141  1.00 27.22 ? 24   DT  D "O4'" 1 
ATOM   468 C  "C3'" . DT  D 1 6 ? -13.562 -11.318 9.909   1.00 27.22 ? 24   DT  D "C3'" 1 
ATOM   469 O  "O3'" . DT  D 1 6 ? -13.476 -10.053 10.544  1.00 27.22 ? 24   DT  D "O3'" 1 
ATOM   470 C  "C2'" . DT  D 1 6 ? -12.938 -12.298 10.885  1.00 27.22 ? 24   DT  D "C2'" 1 
ATOM   471 C  "C1'" . DT  D 1 6 ? -14.067 -12.522 11.884  1.00 27.22 ? 24   DT  D "C1'" 1 
ATOM   472 N  N1    . DT  D 1 6 ? -14.049 -13.853 12.558  1.00 17.64 ? 24   DT  D N1    1 
ATOM   473 C  C2    . DT  D 1 6 ? -14.177 -13.906 13.937  1.00 17.64 ? 24   DT  D C2    1 
ATOM   474 O  O2    . DT  D 1 6 ? -14.351 -12.926 14.638  1.00 17.64 ? 24   DT  D O2    1 
ATOM   475 N  N3    . DT  D 1 6 ? -14.101 -15.166 14.467  1.00 17.64 ? 24   DT  D N3    1 
ATOM   476 C  C4    . DT  D 1 6 ? -13.931 -16.356 13.782  1.00 17.64 ? 24   DT  D C4    1 
ATOM   477 O  O4    . DT  D 1 6 ? -13.880 -17.422 14.403  1.00 17.64 ? 24   DT  D O4    1 
ATOM   478 C  C5    . DT  D 1 6 ? -13.825 -16.232 12.348  1.00 17.64 ? 24   DT  D C5    1 
ATOM   479 C  C7    . DT  D 1 6 ? -13.653 -17.469 11.522  1.00 17.64 ? 24   DT  D C7    1 
ATOM   480 C  C6    . DT  D 1 6 ? -13.890 -15.006 11.817  1.00 17.64 ? 24   DT  D C6    1 
HETATM 481 O  O     . HOH E 2 . ? 4.105   -2.017  4.629   1.00 22.22 ? 2001 HOH A O     1 
HETATM 482 O  O     . HOH E 2 . ? 14.370  1.021   -5.254  1.00 27.32 ? 2002 HOH A O     1 
HETATM 483 O  O     . HOH E 2 . ? 7.555   -0.677  1.144   1.00 24.42 ? 2003 HOH A O     1 
HETATM 484 O  O     . HOH E 2 . ? 14.313  -2.060  -5.101  1.00 50.00 ? 2004 HOH A O     1 
HETATM 485 O  O     . HOH E 2 . ? 8.022   3.344   2.569   1.00 35.87 ? 2005 HOH A O     1 
HETATM 486 O  O     . HOH E 2 . ? 5.467   5.356   2.758   1.00 31.86 ? 2006 HOH A O     1 
HETATM 487 O  O     . HOH E 2 . ? 12.561  7.056   -5.166  1.00 28.21 ? 2007 HOH A O     1 
HETATM 488 O  O     . HOH E 2 . ? 5.157   8.504   -7.942  1.00 30.86 ? 2008 HOH A O     1 
HETATM 489 O  O     . HOH E 2 . ? 14.395  1.407   -9.060  1.00 33.99 ? 2009 HOH A O     1 
HETATM 490 O  O     . HOH E 2 . ? 13.730  8.782   -3.119  1.00 22.48 ? 2010 HOH A O     1 
HETATM 491 O  O     . HOH E 2 . ? 12.935  8.360   -0.080  1.00 20.28 ? 2011 HOH A O     1 
HETATM 492 O  O     . HOH E 2 . ? 11.675  11.956  -7.424  1.00 28.26 ? 2012 HOH A O     1 
HETATM 493 O  O     . HOH E 2 . ? 5.933   14.601  -10.896 1.00 23.13 ? 2013 HOH A O     1 
HETATM 494 O  O     . HOH E 2 . ? 14.004  12.558  -1.287  1.00 23.15 ? 2014 HOH A O     1 
HETATM 495 O  O     . HOH F 2 . ? -2.542  7.467   0.686   1.00 36.24 ? 2001 HOH B O     1 
HETATM 496 O  O     . HOH F 2 . ? -0.376  7.675   2.527   1.00 39.25 ? 2002 HOH B O     1 
HETATM 497 O  O     . HOH F 2 . ? 7.471   11.420  8.738   1.00 10.55 ? 2003 HOH B O     1 
HETATM 498 O  O     . HOH F 2 . ? 12.508  8.737   2.728   1.00 29.24 ? 2004 HOH B O     1 
HETATM 499 O  O     . HOH F 2 . ? 4.160   11.987  5.619   1.00 17.39 ? 2005 HOH B O     1 
HETATM 500 O  O     . HOH F 2 . ? 0.033   11.915  1.681   1.00 14.03 ? 2006 HOH B O     1 
HETATM 501 O  O     . HOH F 2 . ? 3.672   8.214   4.139   1.00 18.86 ? 2007 HOH B O     1 
HETATM 502 O  O     . HOH F 2 . ? -1.216  9.767   -3.704  1.00 17.54 ? 2008 HOH B O     1 
HETATM 503 O  O     . HOH F 2 . ? -2.706  11.785  -7.521  1.00 37.37 ? 2009 HOH B O     1 
HETATM 504 O  O     . HOH F 2 . ? 2.232   6.008   1.727   1.00 17.90 ? 2010 HOH B O     1 
HETATM 505 O  O     . HOH F 2 . ? -1.611  6.237   -8.195  1.00 18.13 ? 2011 HOH B O     1 
HETATM 506 O  O     . HOH F 2 . ? -3.051  2.832   -3.797  1.00 39.59 ? 2012 HOH B O     1 
HETATM 507 O  O     . HOH G 2 . ? -8.167  -5.383  -8.109  1.00 21.62 ? 2001 HOH C O     1 
HETATM 508 O  O     . HOH G 2 . ? -10.810 -0.015  -0.589  1.00 19.46 ? 2002 HOH C O     1 
HETATM 509 O  O     . HOH G 2 . ? -7.054  1.441   -2.486  1.00 30.34 ? 2003 HOH C O     1 
HETATM 510 O  O     . HOH G 2 . ? -3.802  2.741   -0.728  1.00 40.71 ? 2004 HOH C O     1 
HETATM 511 O  O     . HOH G 2 . ? -4.967  -5.837  10.052  1.00 27.82 ? 2005 HOH C O     1 
HETATM 512 O  O     . HOH G 2 . ? -0.142  0.161   8.640   1.00 37.13 ? 2006 HOH C O     1 
HETATM 513 O  O     . HOH G 2 . ? 3.674   -5.389  5.804   1.00 29.88 ? 2007 HOH C O     1 
HETATM 514 O  O     . HOH G 2 . ? 3.049   -9.118  9.417   1.00 50.00 ? 2008 HOH C O     1 
HETATM 515 O  O     . HOH H 2 . ? 4.736   -11.602 -1.853  1.00 41.57 ? 2001 HOH D O     1 
HETATM 516 O  O     . HOH H 2 . ? -0.353  -6.792  3.009   1.00 20.78 ? 2002 HOH D O     1 
HETATM 517 O  O     . HOH H 2 . ? -0.134  -8.993  -5.047  1.00 29.67 ? 2003 HOH D O     1 
HETATM 518 O  O     . HOH H 2 . ? -1.449  -12.891 5.835   1.00 22.77 ? 2004 HOH D O     1 
HETATM 519 O  O     . HOH H 2 . ? -5.674  -7.313  -6.254  1.00 15.06 ? 2005 HOH D O     1 
HETATM 520 O  O     . HOH H 2 . ? -3.532  -9.388  -6.050  1.00 29.97 ? 2006 HOH D O     1 
HETATM 521 O  O     . HOH H 2 . ? -7.539  -11.283 -5.225  1.00 24.42 ? 2007 HOH D O     1 
HETATM 522 O  O     . HOH H 2 . ? -5.489  -11.050 8.611   1.00 27.90 ? 2009 HOH D O     1 
HETATM 523 O  O     . HOH H 2 . ? -3.740  -14.498 0.312   1.00 39.86 ? 2010 HOH D O     1 
HETATM 524 O  O     . HOH H 2 . ? -13.840 -14.626 0.276   1.00 24.86 ? 2011 HOH D O     1 
HETATM 525 O  O     . HOH H 2 . ? -17.623 -13.618 5.808   1.00 43.65 ? 2012 HOH D O     1 
HETATM 526 O  O     . HOH H 2 . ? -12.726 -19.854 13.840  1.00 16.68 ? 2013 HOH D O     1 
HETATM 527 O  O     . HOH H 2 . ? -11.475 -8.831  9.916   1.00 44.35 ? 2014 HOH D O     1 
# 
